data_5DUB
#
_entry.id   5DUB
#
_cell.length_a   105.672
_cell.length_b   293.976
_cell.length_c   68.819
_cell.angle_alpha   90.000
_cell.angle_beta   90.000
_cell.angle_gamma   90.000
#
_symmetry.space_group_name_H-M   'C 2 2 2'
#
loop_
_entity.id
_entity.type
_entity.pdbx_description
1 polymer 'Fab Hpu98 Heavy chain'
2 polymer 'Fab Hpu98 Light chain'
3 polymer 'Peptide: GLY-5GG-GLY-ALA'
4 non-polymer 1,2-ETHANEDIOL
5 non-polymer 'SULFATE ION'
6 water water
#
loop_
_entity_poly.entity_id
_entity_poly.type
_entity_poly.pdbx_seq_one_letter_code
_entity_poly.pdbx_strand_id
1 'polypeptide(L)'
;(PCA)SVEESGGRLVTPGTPLTLTCTVSGFSLSTYTMNWVRQAPGKGLEWIGDIYTDGNTYYANWAKGRFTISKTSTTVD
LKITSPTTEDTATYFCARDSWDASSYYGLDLWGQGTLVTVSSGQPKGPSVFPLAPCCGDTPSSTVTLGCLVKGYLPEPVT
VTWNSGTLTNGVRTFPSVRQSSGLYSLSSVVSVTSSSQPVTCNVAHPATNTKVDKTVAPSTCSKPT
;
A,H
2 'polypeptide(L)'
;AIKMTQTPSSVSAAVGGTVTINCQASEDIKRYLAWYQQKPGQPPKLLIYAASKLASGVSSRFKGSGSGTEYTLTISGVQC
DDAATYYCQQGYTSSNVNNAFGGGTEVVVKGDPVAPTVLIFPPAADQVATGTVTIVCVANKYFPDVTVTWEVDGTTQTTG
IENSKTPQNSADCTYNLSSTLTLTSTQYNSHKEYTCKVTQGTTSVVQSFNRGDC
;
B,L
3 'polypeptide(L)' G(5GG)GA P
#
# COMPACT_ATOMS: atom_id res chain seq x y z
N SER A 2 14.59 -8.36 15.62
CA SER A 2 15.06 -7.29 14.79
C SER A 2 14.59 -7.44 13.37
N VAL A 3 14.62 -6.32 12.66
CA VAL A 3 14.25 -6.23 11.29
C VAL A 3 15.33 -5.44 10.54
N GLU A 4 15.73 -5.93 9.36
CA GLU A 4 16.64 -5.14 8.55
C GLU A 4 16.40 -5.19 7.04
N GLU A 5 16.40 -4.01 6.41
CA GLU A 5 16.12 -3.90 4.97
C GLU A 5 17.38 -3.84 4.15
N SER A 6 17.30 -4.34 2.92
CA SER A 6 18.40 -4.21 1.97
C SER A 6 17.84 -4.14 0.57
N GLY A 7 18.72 -3.83 -0.39
CA GLY A 7 18.39 -3.80 -1.81
C GLY A 7 18.20 -2.41 -2.42
N GLY A 8 18.15 -1.38 -1.59
CA GLY A 8 17.99 -0.03 -2.12
C GLY A 8 19.26 0.34 -2.89
N ARG A 9 19.08 1.06 -4.00
CA ARG A 9 20.18 1.45 -4.85
C ARG A 9 19.71 2.50 -5.87
N LEU A 10 20.62 3.03 -6.65
CA LEU A 10 20.21 3.94 -7.72
C LEU A 10 19.77 3.09 -8.93
N VAL A 11 18.62 3.41 -9.52
CA VAL A 11 18.02 2.61 -10.59
C VAL A 11 17.36 3.55 -11.61
N THR A 12 17.39 3.20 -12.90
CA THR A 12 16.74 4.04 -13.93
C THR A 12 15.25 3.77 -13.91
N PRO A 13 14.43 4.77 -14.29
CA PRO A 13 12.97 4.58 -14.32
C PRO A 13 12.58 3.36 -15.14
N GLY A 14 11.62 2.59 -14.64
CA GLY A 14 11.16 1.44 -15.42
C GLY A 14 11.92 0.15 -15.11
N THR A 15 13.03 0.24 -14.39
CA THR A 15 13.80 -0.97 -14.10
C THR A 15 13.30 -1.63 -12.80
N PRO A 16 12.70 -2.83 -12.89
CA PRO A 16 12.13 -3.47 -11.69
C PRO A 16 13.18 -3.63 -10.60
N LEU A 17 12.77 -3.41 -9.35
CA LEU A 17 13.69 -3.42 -8.22
C LEU A 17 13.01 -4.16 -7.09
N THR A 18 13.72 -5.13 -6.50
CA THR A 18 13.18 -5.83 -5.34
C THR A 18 13.92 -5.51 -4.04
N LEU A 19 13.17 -5.07 -3.02
CA LEU A 19 13.75 -4.81 -1.71
C LEU A 19 13.48 -6.04 -0.82
N THR A 20 14.33 -6.25 0.18
CA THR A 20 14.19 -7.40 1.08
C THR A 20 14.21 -6.94 2.52
N CYS A 21 13.30 -7.49 3.30
CA CYS A 21 13.30 -7.29 4.73
C CYS A 21 13.57 -8.63 5.44
N THR A 22 14.69 -8.75 6.16
CA THR A 22 15.03 -9.99 6.87
C THR A 22 14.67 -9.84 8.32
N VAL A 23 13.92 -10.79 8.86
CA VAL A 23 13.50 -10.69 10.25
C VAL A 23 14.23 -11.70 11.14
N SER A 24 14.43 -11.32 12.41
CA SER A 24 15.07 -12.21 13.37
C SER A 24 14.34 -12.20 14.70
N GLY A 25 14.18 -13.37 15.32
CA GLY A 25 13.65 -13.43 16.67
C GLY A 25 12.15 -13.32 16.83
N PHE A 26 11.40 -13.42 15.74
CA PHE A 26 9.95 -13.52 15.82
C PHE A 26 9.42 -14.25 14.61
N SER A 27 8.18 -14.70 14.71
CA SER A 27 7.55 -15.47 13.66
C SER A 27 6.63 -14.61 12.77
N LEU A 28 6.69 -14.83 11.46
CA LEU A 28 5.75 -14.19 10.54
C LEU A 28 4.39 -14.88 10.50
N SER A 29 4.20 -15.90 11.36
CA SER A 29 2.87 -16.47 11.57
C SER A 29 2.18 -15.81 12.77
N THR A 30 2.94 -14.94 13.45
CA THR A 30 2.42 -14.13 14.55
C THR A 30 2.33 -12.65 14.21
N TYR A 31 3.36 -12.14 13.54
CA TYR A 31 3.41 -10.73 13.17
C TYR A 31 3.09 -10.49 11.70
N THR A 32 2.30 -9.46 11.46
CA THR A 32 2.05 -8.88 10.14
C THR A 32 3.16 -7.87 9.75
N MET A 33 3.62 -7.91 8.50
CA MET A 33 4.71 -7.02 8.11
C MET A 33 4.22 -5.96 7.13
N ASN A 34 4.79 -4.76 7.22
CA ASN A 34 4.30 -3.60 6.49
C ASN A 34 5.48 -2.94 5.80
N TRP A 35 5.26 -2.42 4.59
CA TRP A 35 6.24 -1.54 3.95
C TRP A 35 5.73 -0.12 4.01
N VAL A 36 6.61 0.79 4.42
CA VAL A 36 6.30 2.20 4.58
C VAL A 36 7.48 2.97 3.94
N ARG A 37 7.18 3.99 3.13
CA ARG A 37 8.25 4.79 2.57
C ARG A 37 8.18 6.25 2.99
N GLN A 38 9.28 6.97 2.78
CA GLN A 38 9.31 8.36 3.16
C GLN A 38 10.32 9.08 2.26
N ALA A 39 9.80 9.99 1.47
CA ALA A 39 10.69 10.81 0.65
C ALA A 39 11.39 11.85 1.52
N PRO A 40 12.60 12.27 1.12
CA PRO A 40 13.35 13.23 1.94
C PRO A 40 12.52 14.47 2.35
N GLY A 41 12.50 14.79 3.63
CA GLY A 41 11.68 15.89 4.09
C GLY A 41 10.18 15.71 4.13
N LYS A 42 9.65 14.54 3.77
CA LYS A 42 8.20 14.39 3.70
C LYS A 42 7.64 13.42 4.77
N GLY A 43 6.33 13.16 4.71
CA GLY A 43 5.69 12.31 5.70
C GLY A 43 5.82 10.82 5.40
N LEU A 44 5.42 9.99 6.36
CA LEU A 44 5.38 8.55 6.16
C LEU A 44 4.22 8.11 5.22
N GLU A 45 4.50 7.22 4.28
CA GLU A 45 3.47 6.70 3.35
C GLU A 45 3.40 5.20 3.44
N TRP A 46 2.29 4.70 3.95
CA TRP A 46 2.09 3.24 4.03
C TRP A 46 1.93 2.67 2.61
N ILE A 47 2.67 1.63 2.28
CA ILE A 47 2.59 1.06 0.94
C ILE A 47 1.67 -0.16 0.92
N GLY A 48 1.87 -1.03 1.89
CA GLY A 48 1.02 -2.20 1.95
C GLY A 48 1.52 -3.14 3.02
N ASP A 49 0.85 -4.28 3.15
CA ASP A 49 1.27 -5.27 4.12
C ASP A 49 1.02 -6.72 3.74
N ILE A 50 1.56 -7.62 4.55
CA ILE A 50 1.25 -9.02 4.35
C ILE A 50 0.97 -9.65 5.71
N TYR A 51 -0.26 -10.09 5.89
CA TYR A 51 -0.70 -10.72 7.14
C TYR A 51 -0.11 -12.10 7.38
N THR A 52 -0.24 -12.56 8.62
CA THR A 52 0.32 -13.82 9.06
C THR A 52 -0.15 -14.96 8.15
N ASP A 53 -1.43 -14.90 7.77
CA ASP A 53 -2.03 -15.93 6.91
C ASP A 53 -1.64 -15.80 5.42
N GLY A 54 -1.01 -14.69 5.05
CA GLY A 54 -0.57 -14.54 3.67
C GLY A 54 -1.33 -13.55 2.81
N ASN A 55 -2.50 -13.10 3.28
CA ASN A 55 -3.25 -12.06 2.57
C ASN A 55 -2.40 -10.78 2.46
N THR A 56 -2.28 -10.23 1.25
CA THR A 56 -1.56 -8.99 1.03
C THR A 56 -2.54 -7.90 0.67
N TYR A 57 -2.21 -6.69 1.13
CA TYR A 57 -3.02 -5.51 0.91
C TYR A 57 -2.12 -4.39 0.48
N TYR A 58 -2.62 -3.55 -0.44
CA TYR A 58 -1.84 -2.40 -0.90
C TYR A 58 -2.67 -1.13 -0.77
N ALA A 59 -1.99 -0.03 -0.51
CA ALA A 59 -2.65 1.27 -0.55
C ALA A 59 -3.27 1.45 -1.93
N ASN A 60 -4.38 2.19 -2.01
CA ASN A 60 -5.05 2.34 -3.31
C ASN A 60 -4.13 2.88 -4.41
N TRP A 61 -3.28 3.87 -4.09
CA TRP A 61 -2.33 4.40 -5.08
C TRP A 61 -1.29 3.36 -5.53
N ALA A 62 -1.00 2.39 -4.65
CA ALA A 62 0.07 1.42 -4.83
C ALA A 62 -0.36 0.14 -5.59
N LYS A 63 -1.67 -0.08 -5.69
CA LYS A 63 -2.17 -1.32 -6.32
C LYS A 63 -1.69 -1.41 -7.77
N GLY A 64 -1.09 -2.54 -8.15
CA GLY A 64 -0.54 -2.72 -9.49
C GLY A 64 0.88 -2.17 -9.67
N ARG A 65 1.41 -1.50 -8.64
CA ARG A 65 2.72 -0.82 -8.75
C ARG A 65 3.79 -1.50 -7.88
N PHE A 66 3.34 -2.33 -6.94
CA PHE A 66 4.22 -3.04 -6.01
C PHE A 66 3.69 -4.43 -5.81
N THR A 67 4.57 -5.37 -5.50
CA THR A 67 4.13 -6.68 -5.10
C THR A 67 4.87 -7.11 -3.82
N ILE A 68 4.12 -7.62 -2.84
CA ILE A 68 4.69 -8.03 -1.57
C ILE A 68 4.59 -9.53 -1.42
N SER A 69 5.66 -10.16 -0.95
CA SER A 69 5.57 -11.59 -0.71
C SER A 69 6.49 -11.92 0.46
N LYS A 70 6.39 -13.14 0.99
CA LYS A 70 7.24 -13.49 2.14
C LYS A 70 7.67 -14.96 2.16
N THR A 71 8.78 -15.24 2.81
CA THR A 71 9.09 -16.63 3.19
C THR A 71 8.96 -16.67 4.73
N SER A 72 9.60 -17.62 5.42
CA SER A 72 9.49 -17.64 6.89
C SER A 72 10.39 -16.60 7.61
N THR A 73 11.43 -16.12 6.94
CA THR A 73 12.33 -15.17 7.58
C THR A 73 12.49 -13.85 6.82
N THR A 74 11.88 -13.71 5.65
CA THR A 74 12.06 -12.47 4.88
C THR A 74 10.75 -12.05 4.27
N VAL A 75 10.66 -10.75 3.97
CA VAL A 75 9.54 -10.18 3.26
C VAL A 75 10.12 -9.38 2.10
N ASP A 76 9.55 -9.53 0.91
CA ASP A 76 10.04 -8.78 -0.27
C ASP A 76 9.06 -7.67 -0.64
N LEU A 77 9.57 -6.57 -1.21
CA LEU A 77 8.75 -5.56 -1.86
C LEU A 77 9.34 -5.44 -3.24
N LYS A 78 8.57 -5.79 -4.25
CA LYS A 78 9.03 -5.59 -5.59
C LYS A 78 8.38 -4.33 -6.13
N ILE A 79 9.19 -3.40 -6.65
CA ILE A 79 8.66 -2.21 -7.27
C ILE A 79 8.65 -2.47 -8.79
N THR A 80 7.44 -2.57 -9.37
CA THR A 80 7.23 -3.07 -10.72
C THR A 80 7.85 -2.23 -11.81
N SER A 81 7.59 -0.93 -11.76
CA SER A 81 8.11 -0.02 -12.79
C SER A 81 8.46 1.33 -12.12
N PRO A 82 9.63 1.40 -11.46
CA PRO A 82 10.01 2.62 -10.71
C PRO A 82 9.91 3.92 -11.52
N THR A 83 9.40 4.98 -10.87
CA THR A 83 9.47 6.32 -11.44
C THR A 83 10.22 7.23 -10.44
N THR A 84 10.55 8.46 -10.87
CA THR A 84 11.26 9.38 -10.00
C THR A 84 10.47 9.71 -8.75
N GLU A 85 9.14 9.68 -8.83
CA GLU A 85 8.28 9.81 -7.64
C GLU A 85 8.49 8.70 -6.57
N ASP A 86 9.16 7.61 -6.92
CA ASP A 86 9.40 6.51 -5.98
C ASP A 86 10.68 6.67 -5.18
N THR A 87 11.45 7.74 -5.44
CA THR A 87 12.68 7.96 -4.69
C THR A 87 12.33 8.18 -3.21
N ALA A 88 12.91 7.40 -2.32
CA ALA A 88 12.55 7.44 -0.92
C ALA A 88 13.34 6.44 -0.10
N THR A 89 13.32 6.60 1.21
CA THR A 89 13.76 5.54 2.11
C THR A 89 12.57 4.62 2.34
N TYR A 90 12.80 3.30 2.22
CA TYR A 90 11.76 2.31 2.38
C TYR A 90 12.01 1.56 3.67
N PHE A 91 10.99 1.50 4.52
CA PHE A 91 11.09 0.82 5.79
C PHE A 91 10.21 -0.41 5.79
N CYS A 92 10.64 -1.46 6.49
CA CYS A 92 9.72 -2.53 6.81
CA CYS A 92 9.82 -2.63 6.82
C CYS A 92 9.49 -2.51 8.33
N ALA A 93 8.26 -2.81 8.75
CA ALA A 93 7.91 -2.72 10.18
C ALA A 93 6.86 -3.75 10.55
N ARG A 94 6.93 -4.26 11.78
CA ARG A 94 5.97 -5.31 12.16
C ARG A 94 4.86 -4.73 13.02
N ASP A 95 3.65 -5.26 12.88
CA ASP A 95 2.58 -4.96 13.82
C ASP A 95 1.80 -6.23 14.17
N SER A 96 0.94 -6.09 15.17
CA SER A 96 0.12 -7.18 15.69
C SER A 96 -1.09 -6.55 16.36
N TRP A 97 -2.00 -7.39 16.83
CA TRP A 97 -3.31 -6.98 17.33
C TRP A 97 -3.56 -7.91 18.52
N ASP A 98 -4.34 -7.47 19.51
CA ASP A 98 -4.92 -8.42 20.46
C ASP A 98 -6.42 -8.34 20.31
N ALA A 99 -7.15 -8.83 21.31
CA ALA A 99 -8.61 -8.87 21.31
C ALA A 99 -9.26 -7.69 20.58
N SER A 100 -8.99 -6.49 21.09
CA SER A 100 -9.46 -5.25 20.50
C SER A 100 -8.31 -4.22 20.52
N SER A 101 -7.14 -4.70 20.97
CA SER A 101 -5.95 -3.89 21.22
C SER A 101 -4.96 -3.88 20.03
N TYR A 102 -5.01 -2.87 19.14
CA TYR A 102 -3.98 -2.72 18.09
C TYR A 102 -2.64 -2.28 18.69
N TYR A 103 -1.57 -3.05 18.46
CA TYR A 103 -0.33 -2.83 19.19
C TYR A 103 0.60 -1.86 18.48
N GLY A 104 0.25 -1.47 17.25
CA GLY A 104 1.09 -0.52 16.54
C GLY A 104 2.31 -1.16 15.87
N LEU A 105 3.06 -0.35 15.15
CA LEU A 105 4.26 -0.79 14.46
C LEU A 105 5.42 -0.59 15.44
N ASP A 106 5.77 -1.65 16.15
CA ASP A 106 6.70 -1.49 17.29
C ASP A 106 8.14 -1.78 16.95
N LEU A 107 8.41 -2.34 15.79
CA LEU A 107 9.77 -2.65 15.43
C LEU A 107 9.94 -2.31 13.97
N TRP A 108 10.93 -1.48 13.67
CA TRP A 108 11.19 -0.92 12.32
C TRP A 108 12.63 -1.22 11.97
N GLY A 109 12.94 -1.37 10.69
CA GLY A 109 14.35 -1.37 10.30
C GLY A 109 14.90 0.04 10.18
N GLN A 110 16.18 0.17 9.86
CA GLN A 110 16.77 1.48 9.63
C GLN A 110 16.41 2.04 8.25
N GLY A 111 15.86 1.19 7.38
CA GLY A 111 15.38 1.69 6.11
C GLY A 111 16.41 1.44 5.03
N THR A 112 15.96 1.36 3.78
CA THR A 112 16.88 1.24 2.68
C THR A 112 16.55 2.31 1.64
N LEU A 113 17.58 2.96 1.12
CA LEU A 113 17.38 4.09 0.20
C LEU A 113 17.24 3.71 -1.28
N VAL A 114 16.09 4.03 -1.88
CA VAL A 114 15.91 3.85 -3.30
C VAL A 114 15.97 5.20 -4.03
N THR A 115 16.84 5.28 -5.03
CA THR A 115 16.94 6.51 -5.81
C THR A 115 16.61 6.17 -7.24
N VAL A 116 15.65 6.87 -7.82
CA VAL A 116 15.26 6.56 -9.19
C VAL A 116 15.62 7.75 -10.06
N SER A 117 16.49 7.55 -11.04
CA SER A 117 17.00 8.66 -11.85
C SER A 117 17.56 8.10 -13.15
N SER A 118 17.45 8.80 -14.27
CA SER A 118 18.16 8.29 -15.44
C SER A 118 19.64 8.73 -15.43
N GLY A 119 20.02 9.52 -14.44
CA GLY A 119 21.41 9.92 -14.26
C GLY A 119 22.35 8.81 -13.76
N GLN A 120 23.61 8.94 -14.12
CA GLN A 120 24.66 8.01 -13.74
C GLN A 120 25.11 8.34 -12.30
N PRO A 121 25.53 7.32 -11.53
CA PRO A 121 26.04 7.63 -10.19
C PRO A 121 27.28 8.52 -10.34
N LYS A 122 27.45 9.47 -9.44
CA LYS A 122 28.54 10.42 -9.56
C LYS A 122 29.16 10.75 -8.18
N GLY A 123 30.49 10.71 -8.08
CA GLY A 123 31.14 11.01 -6.81
C GLY A 123 31.21 12.50 -6.63
N PRO A 124 31.48 12.96 -5.41
CA PRO A 124 31.47 14.36 -5.04
C PRO A 124 32.72 15.11 -5.47
N SER A 125 32.54 16.38 -5.80
CA SER A 125 33.64 17.34 -5.83
C SER A 125 33.76 17.98 -4.47
N VAL A 126 34.98 18.11 -3.98
CA VAL A 126 35.19 18.63 -2.61
C VAL A 126 36.01 19.92 -2.64
N PHE A 127 35.45 21.01 -2.11
CA PHE A 127 36.11 22.29 -2.16
C PHE A 127 36.32 22.81 -0.78
N PRO A 128 37.52 23.36 -0.50
CA PRO A 128 37.83 23.84 0.83
C PRO A 128 37.14 25.17 1.12
N LEU A 129 36.76 25.37 2.38
CA LEU A 129 36.17 26.62 2.84
C LEU A 129 37.10 27.18 3.88
N ALA A 130 37.62 28.39 3.62
CA ALA A 130 38.49 29.04 4.61
C ALA A 130 38.17 30.55 4.64
N PRO A 131 38.33 31.19 5.79
CA PRO A 131 38.15 32.67 5.84
C PRO A 131 38.99 33.43 4.80
N CYS A 132 38.45 34.52 4.24
CA CYS A 132 39.21 35.33 3.29
C CYS A 132 40.57 35.78 3.84
N CYS A 133 41.58 35.78 2.98
CA CYS A 133 42.96 36.01 3.43
C CYS A 133 43.30 37.49 3.62
N SER A 138 41.78 37.02 17.77
CA SER A 138 41.46 35.61 18.01
C SER A 138 42.45 34.64 17.35
N SER A 139 42.64 33.47 17.97
CA SER A 139 43.60 32.47 17.50
C SER A 139 42.94 31.23 16.92
N THR A 140 41.66 31.03 17.21
CA THR A 140 40.94 29.87 16.71
C THR A 140 40.21 30.20 15.38
N VAL A 141 39.99 29.19 14.53
CA VAL A 141 39.39 29.38 13.20
C VAL A 141 38.32 28.33 12.86
N THR A 142 37.33 28.70 12.05
CA THR A 142 36.41 27.68 11.53
C THR A 142 36.78 27.38 10.09
N LEU A 143 37.06 26.13 9.78
CA LEU A 143 37.35 25.74 8.40
C LEU A 143 36.21 24.89 7.92
N GLY A 144 36.14 24.60 6.63
CA GLY A 144 35.06 23.79 6.11
C GLY A 144 35.34 23.07 4.80
N CYS A 145 34.38 22.27 4.37
CA CYS A 145 34.48 21.73 3.04
C CYS A 145 33.06 21.65 2.44
N LEU A 146 32.96 22.02 1.17
CA LEU A 146 31.71 22.06 0.46
C LEU A 146 31.76 20.87 -0.48
N VAL A 147 30.77 20.00 -0.35
CA VAL A 147 30.75 18.76 -1.12
C VAL A 147 29.63 18.87 -2.13
N LYS A 148 29.97 18.85 -3.41
CA LYS A 148 28.91 19.07 -4.39
C LYS A 148 28.96 18.09 -5.57
N GLY A 149 27.78 17.85 -6.13
CA GLY A 149 27.67 17.16 -7.40
C GLY A 149 27.59 15.64 -7.28
N TYR A 150 27.06 15.14 -6.17
CA TYR A 150 27.01 13.68 -6.02
C TYR A 150 25.62 13.04 -6.18
N LEU A 151 25.59 11.76 -6.52
CA LEU A 151 24.36 10.99 -6.70
C LEU A 151 24.76 9.51 -6.66
N PRO A 152 24.01 8.69 -5.93
CA PRO A 152 22.90 9.04 -5.04
C PRO A 152 23.45 9.52 -3.70
N GLU A 153 22.57 9.93 -2.80
CA GLU A 153 22.95 10.09 -1.37
C GLU A 153 23.25 8.71 -0.77
N PRO A 154 23.96 8.63 0.38
CA PRO A 154 24.56 9.72 1.17
C PRO A 154 26.06 9.83 0.94
N VAL A 155 26.70 10.90 1.43
CA VAL A 155 28.14 10.89 1.61
C VAL A 155 28.34 10.99 3.11
N THR A 156 29.48 10.51 3.62
CA THR A 156 29.82 10.81 5.00
C THR A 156 31.00 11.81 5.02
N VAL A 157 31.01 12.77 5.96
CA VAL A 157 32.14 13.70 6.09
C VAL A 157 32.74 13.55 7.48
N THR A 158 34.03 13.29 7.59
CA THR A 158 34.69 13.37 8.89
C THR A 158 35.85 14.33 8.80
N TRP A 159 36.38 14.71 9.95
CA TRP A 159 37.50 15.62 10.05
C TRP A 159 38.67 14.92 10.74
N ASN A 160 39.84 14.94 10.11
CA ASN A 160 41.00 14.21 10.63
C ASN A 160 40.62 12.77 11.03
N SER A 161 39.93 12.07 10.12
CA SER A 161 39.57 10.66 10.34
C SER A 161 38.79 10.42 11.64
N GLY A 162 37.96 11.38 11.99
CA GLY A 162 37.04 11.25 13.10
C GLY A 162 37.63 11.69 14.42
N THR A 163 38.88 12.10 14.42
CA THR A 163 39.51 12.54 15.66
C THR A 163 39.13 13.99 16.01
N LEU A 164 38.64 14.76 15.05
CA LEU A 164 38.15 16.11 15.38
C LEU A 164 36.65 16.01 15.40
N THR A 165 36.01 16.26 16.55
CA THR A 165 34.55 16.07 16.60
C THR A 165 33.88 17.24 17.30
N ASN A 166 34.64 17.90 18.15
CA ASN A 166 34.17 19.08 18.87
C ASN A 166 34.10 20.23 17.92
N GLY A 167 32.96 20.89 17.90
CA GLY A 167 32.78 22.03 17.04
C GLY A 167 32.51 21.65 15.60
N VAL A 168 32.22 20.38 15.33
CA VAL A 168 31.86 20.00 13.96
C VAL A 168 30.38 20.26 13.70
N ARG A 169 30.07 20.97 12.63
CA ARG A 169 28.69 21.12 12.21
C ARG A 169 28.54 20.71 10.76
N THR A 170 27.73 19.68 10.53
CA THR A 170 27.41 19.26 9.17
C THR A 170 25.95 19.62 8.86
N PHE A 171 25.70 20.11 7.67
CA PHE A 171 24.38 20.60 7.29
C PHE A 171 23.67 19.54 6.47
N PRO A 172 22.33 19.56 6.48
CA PRO A 172 21.62 18.59 5.64
C PRO A 172 21.96 18.87 4.19
N SER A 173 21.97 17.81 3.40
CA SER A 173 22.21 17.93 1.97
C SER A 173 21.06 18.69 1.29
N VAL A 174 21.33 19.20 0.10
CA VAL A 174 20.34 19.92 -0.69
C VAL A 174 20.40 19.34 -2.09
N ARG A 175 19.26 18.93 -2.64
CA ARG A 175 19.22 18.50 -4.03
C ARG A 175 19.31 19.74 -4.91
N GLN A 176 20.18 19.68 -5.90
CA GLN A 176 20.34 20.78 -6.85
C GLN A 176 19.32 20.70 -8.00
N SER A 177 19.19 21.78 -8.78
CA SER A 177 18.28 21.74 -9.93
C SER A 177 18.78 20.73 -10.94
N SER A 178 20.09 20.47 -10.98
CA SER A 178 20.61 19.37 -11.81
C SER A 178 20.16 17.98 -11.35
N GLY A 179 19.56 17.89 -10.16
CA GLY A 179 19.28 16.59 -9.57
C GLY A 179 20.46 16.01 -8.75
N LEU A 180 21.61 16.69 -8.76
CA LEU A 180 22.75 16.24 -7.94
C LEU A 180 22.60 16.83 -6.55
N TYR A 181 23.35 16.27 -5.59
CA TYR A 181 23.26 16.73 -4.22
C TYR A 181 24.50 17.52 -3.80
N SER A 182 24.32 18.40 -2.81
CA SER A 182 25.40 19.16 -2.18
C SER A 182 25.23 19.17 -0.68
N LEU A 183 26.34 19.17 0.03
CA LEU A 183 26.28 19.51 1.43
C LEU A 183 27.56 20.19 1.87
N SER A 184 27.55 20.73 3.08
CA SER A 184 28.77 21.35 3.62
C SER A 184 28.95 20.94 5.07
N SER A 185 30.18 21.03 5.53
CA SER A 185 30.53 20.72 6.89
C SER A 185 31.59 21.74 7.33
N VAL A 186 31.47 22.26 8.56
CA VAL A 186 32.50 23.18 9.09
C VAL A 186 32.99 22.68 10.43
N VAL A 187 34.24 22.99 10.77
CA VAL A 187 34.78 22.61 12.05
C VAL A 187 35.56 23.78 12.64
N SER A 188 35.39 24.05 13.93
CA SER A 188 36.19 25.10 14.53
C SER A 188 37.38 24.48 15.23
N VAL A 189 38.58 24.95 14.92
CA VAL A 189 39.79 24.38 15.50
C VAL A 189 40.65 25.48 16.11
N THR A 190 41.52 25.11 17.05
CA THR A 190 42.53 26.02 17.55
C THR A 190 43.67 26.01 16.51
N SER A 191 44.08 27.20 16.06
CA SER A 191 45.04 27.30 14.95
C SER A 191 46.45 26.81 15.26
N SER A 192 46.59 25.49 15.39
CA SER A 192 47.88 24.84 15.56
C SER A 192 48.42 24.34 14.23
N PRO A 195 47.37 20.58 10.67
CA PRO A 195 46.75 20.11 9.40
C PRO A 195 45.35 19.60 9.59
N VAL A 196 44.39 20.19 8.89
CA VAL A 196 43.00 19.87 9.11
C VAL A 196 42.45 19.33 7.78
N THR A 197 41.92 18.14 7.81
CA THR A 197 41.53 17.43 6.58
C THR A 197 40.12 16.91 6.66
N CYS A 198 39.32 17.19 5.64
CA CYS A 198 38.01 16.59 5.60
C CYS A 198 38.05 15.32 4.73
N ASN A 199 37.48 14.25 5.27
CA ASN A 199 37.41 12.96 4.61
C ASN A 199 35.98 12.75 4.14
N VAL A 200 35.80 12.68 2.81
CA VAL A 200 34.44 12.56 2.27
C VAL A 200 34.34 11.21 1.60
N ALA A 201 33.49 10.33 2.14
CA ALA A 201 33.29 9.01 1.51
C ALA A 201 31.98 8.94 0.74
N HIS A 202 32.01 8.32 -0.44
CA HIS A 202 30.79 8.10 -1.21
C HIS A 202 30.77 6.62 -1.63
N PRO A 203 30.23 5.76 -0.76
CA PRO A 203 30.24 4.30 -0.93
C PRO A 203 29.55 3.91 -2.21
N ALA A 204 28.53 4.65 -2.61
CA ALA A 204 27.81 4.30 -3.83
C ALA A 204 28.72 4.32 -5.09
N THR A 205 29.79 5.10 -5.10
CA THR A 205 30.69 5.06 -6.24
C THR A 205 32.09 4.53 -5.87
N ASN A 206 32.20 3.89 -4.70
CA ASN A 206 33.46 3.28 -4.29
C ASN A 206 34.60 4.28 -4.14
N THR A 207 34.27 5.46 -3.60
CA THR A 207 35.18 6.58 -3.66
C THR A 207 35.30 7.22 -2.28
N LYS A 208 36.49 7.72 -2.02
CA LYS A 208 36.73 8.53 -0.87
C LYS A 208 37.67 9.65 -1.29
N VAL A 209 37.43 10.85 -0.76
CA VAL A 209 38.25 12.00 -1.13
C VAL A 209 38.70 12.69 0.17
N ASP A 210 40.00 12.89 0.32
CA ASP A 210 40.53 13.65 1.46
C ASP A 210 40.97 15.00 0.95
N LYS A 211 40.56 16.09 1.59
CA LYS A 211 40.99 17.41 1.16
C LYS A 211 41.56 18.12 2.36
N THR A 212 42.82 18.52 2.28
CA THR A 212 43.41 19.19 3.42
C THR A 212 43.14 20.71 3.29
N VAL A 213 42.49 21.28 4.29
CA VAL A 213 42.01 22.65 4.20
C VAL A 213 43.03 23.64 4.80
N ALA A 214 43.44 24.61 3.98
CA ALA A 214 44.50 25.56 4.33
C ALA A 214 43.92 26.91 4.74
N PRO A 215 44.34 27.45 5.89
CA PRO A 215 43.97 28.79 6.37
C PRO A 215 44.17 29.87 5.29
N ALA B 1 -11.78 6.34 0.40
CA ALA B 1 -10.88 5.53 1.22
C ALA B 1 -10.93 5.99 2.66
N ILE B 2 -10.40 5.16 3.58
CA ILE B 2 -10.28 5.54 4.97
C ILE B 2 -9.17 6.62 4.99
N LYS B 3 -9.50 7.80 5.50
CA LYS B 3 -8.55 8.91 5.44
C LYS B 3 -8.19 9.37 6.86
N MET B 4 -6.91 9.68 7.11
CA MET B 4 -6.48 10.17 8.42
C MET B 4 -6.09 11.64 8.24
N THR B 5 -6.71 12.54 9.01
CA THR B 5 -6.48 13.96 8.84
C THR B 5 -5.88 14.53 10.13
N GLN B 6 -4.59 14.79 10.08
CA GLN B 6 -3.87 15.25 11.25
C GLN B 6 -3.61 16.77 11.26
N THR B 7 -3.97 17.41 12.36
CA THR B 7 -3.80 18.86 12.49
C THR B 7 -3.26 19.24 13.88
N PRO B 8 -2.53 20.37 13.96
CA PRO B 8 -2.14 21.24 12.85
C PRO B 8 -0.89 20.62 12.22
N SER B 9 -0.37 21.21 11.15
CA SER B 9 0.82 20.63 10.53
C SER B 9 2.11 21.04 11.25
N SER B 10 2.03 22.12 12.00
CA SER B 10 3.14 22.60 12.81
C SER B 10 2.59 23.26 14.05
N VAL B 11 3.29 23.07 15.18
CA VAL B 11 2.90 23.72 16.43
C VAL B 11 4.16 24.04 17.26
N SER B 12 4.13 25.14 18.01
CA SER B 12 5.26 25.42 18.87
C SER B 12 4.85 25.63 20.31
N ALA B 13 5.77 25.34 21.22
CA ALA B 13 5.46 25.46 22.63
C ALA B 13 6.71 25.84 23.37
N ALA B 14 6.61 26.74 24.35
CA ALA B 14 7.73 26.97 25.25
C ALA B 14 8.15 25.69 25.99
N VAL B 15 9.43 25.57 26.31
CA VAL B 15 9.88 24.55 27.24
C VAL B 15 9.00 24.56 28.49
N GLY B 16 8.49 23.39 28.88
CA GLY B 16 7.66 23.30 30.06
C GLY B 16 6.18 23.39 29.73
N GLY B 17 5.86 23.74 28.49
CA GLY B 17 4.46 23.94 28.11
C GLY B 17 3.82 22.66 27.58
N THR B 18 2.63 22.79 27.03
CA THR B 18 1.87 21.63 26.55
C THR B 18 1.56 21.73 25.06
N VAL B 19 1.70 20.61 24.35
CA VAL B 19 1.39 20.53 22.92
C VAL B 19 0.21 19.59 22.75
N THR B 20 -0.73 19.97 21.87
CA THR B 20 -1.88 19.15 21.55
C THR B 20 -1.98 18.92 20.04
N ILE B 21 -2.11 17.66 19.66
CA ILE B 21 -2.16 17.27 18.26
C ILE B 21 -3.42 16.45 18.03
N ASN B 22 -4.18 16.77 16.98
CA ASN B 22 -5.44 16.11 16.71
C ASN B 22 -5.40 15.26 15.47
N CYS B 23 -6.18 14.18 15.50
CA CYS B 23 -6.25 13.23 14.40
C CYS B 23 -7.72 12.92 14.14
N GLN B 24 -8.16 13.14 12.91
CA GLN B 24 -9.52 12.83 12.51
C GLN B 24 -9.49 11.70 11.48
N ALA B 25 -10.22 10.63 11.77
CA ALA B 25 -10.41 9.50 10.84
C ALA B 25 -11.71 9.68 10.06
N SER B 26 -11.72 9.35 8.77
CA SER B 26 -12.94 9.50 7.96
C SER B 26 -14.04 8.48 8.30
N GLU B 27 -13.68 7.45 9.07
CA GLU B 27 -14.62 6.43 9.49
C GLU B 27 -14.28 6.05 10.92
N ASP B 28 -15.25 5.49 11.63
CA ASP B 28 -15.03 5.01 12.99
C ASP B 28 -13.95 3.92 12.97
N ILE B 29 -12.81 4.20 13.61
CA ILE B 29 -11.70 3.26 13.63
C ILE B 29 -11.55 2.56 14.97
N LYS B 30 -12.54 2.78 15.85
CA LYS B 30 -12.69 2.01 17.08
C LYS B 30 -11.41 1.89 17.91
N ARG B 31 -10.66 2.98 18.01
CA ARG B 31 -9.45 3.05 18.84
C ARG B 31 -8.27 2.18 18.39
N TYR B 32 -8.34 1.61 17.19
CA TYR B 32 -7.18 0.90 16.61
C TYR B 32 -6.26 1.95 16.05
N LEU B 33 -5.53 2.63 16.93
CA LEU B 33 -4.84 3.84 16.52
C LEU B 33 -3.55 3.93 17.32
N ALA B 34 -2.46 4.30 16.66
CA ALA B 34 -1.16 4.49 17.30
C ALA B 34 -0.60 5.89 17.01
N TRP B 35 0.34 6.33 17.85
CA TRP B 35 1.09 7.58 17.67
C TRP B 35 2.58 7.30 17.67
N TYR B 36 3.31 8.00 16.81
CA TYR B 36 4.75 7.85 16.68
C TYR B 36 5.45 9.20 16.78
N GLN B 37 6.72 9.14 17.18
CA GLN B 37 7.63 10.28 17.14
C GLN B 37 8.75 9.97 16.17
N GLN B 38 9.14 10.95 15.36
CA GLN B 38 10.30 10.70 14.51
C GLN B 38 11.21 11.89 14.45
N LYS B 39 12.50 11.61 14.55
CA LYS B 39 13.52 12.61 14.34
C LYS B 39 14.30 12.27 13.09
N PRO B 40 14.86 13.30 12.37
CA PRO B 40 15.53 13.11 11.09
C PRO B 40 16.61 12.07 11.18
N GLY B 41 16.70 11.22 10.17
CA GLY B 41 17.70 10.17 10.16
C GLY B 41 17.32 8.90 10.89
N GLN B 42 16.20 8.87 11.58
CA GLN B 42 15.81 7.69 12.36
C GLN B 42 14.46 7.16 11.92
N PRO B 43 14.21 5.85 12.16
CA PRO B 43 12.84 5.39 11.93
C PRO B 43 11.96 5.97 13.01
N PRO B 44 10.64 5.97 12.79
CA PRO B 44 9.71 6.42 13.82
C PRO B 44 9.77 5.50 15.04
N LYS B 45 9.32 6.06 16.15
CA LYS B 45 9.30 5.35 17.41
C LYS B 45 7.89 5.34 17.93
N LEU B 46 7.39 4.15 18.27
CA LEU B 46 6.02 4.01 18.78
C LEU B 46 5.91 4.65 20.16
N LEU B 47 4.90 5.49 20.38
CA LEU B 47 4.70 6.12 21.67
C LEU B 47 3.48 5.57 22.36
N ILE B 48 2.41 5.46 21.58
CA ILE B 48 1.07 5.16 22.10
C ILE B 48 0.42 4.13 21.14
N TYR B 49 -0.17 3.09 21.69
CA TYR B 49 -0.93 2.12 20.90
C TYR B 49 -2.33 2.00 21.52
N ALA B 50 -3.23 1.31 20.81
CA ALA B 50 -4.61 1.17 21.26
C ALA B 50 -5.18 2.54 21.71
N ALA B 51 -4.81 3.59 21.00
CA ALA B 51 -5.27 4.96 21.23
C ALA B 51 -4.78 5.71 22.49
N SER B 52 -4.53 4.99 23.59
CA SER B 52 -4.24 5.62 24.87
C SER B 52 -3.28 4.83 25.76
N LYS B 53 -2.75 3.72 25.27
CA LYS B 53 -1.81 2.93 26.05
C LYS B 53 -0.36 3.30 25.68
N LEU B 54 0.45 3.54 26.70
CA LEU B 54 1.86 3.90 26.54
C LEU B 54 2.68 2.72 26.09
N ALA B 55 3.45 2.87 25.02
CA ALA B 55 4.33 1.78 24.64
C ALA B 55 5.42 1.60 25.71
N SER B 56 6.09 0.45 25.66
CA SER B 56 7.02 0.09 26.71
C SER B 56 8.15 1.13 26.80
N GLY B 57 8.39 1.63 28.02
CA GLY B 57 9.45 2.59 28.27
C GLY B 57 9.13 4.04 27.94
N VAL B 58 8.01 4.29 27.30
CA VAL B 58 7.66 5.69 26.93
C VAL B 58 7.17 6.50 28.13
N SER B 59 7.62 7.74 28.23
CA SER B 59 7.25 8.64 29.31
C SER B 59 5.76 8.98 29.41
N SER B 60 5.25 9.06 30.63
CA SER B 60 3.82 9.38 30.80
C SER B 60 3.50 10.85 30.49
N ARG B 61 4.51 11.64 30.13
CA ARG B 61 4.27 12.98 29.60
C ARG B 61 3.51 12.94 28.28
N PHE B 62 3.55 11.79 27.61
CA PHE B 62 2.83 11.62 26.35
C PHE B 62 1.51 10.96 26.68
N LYS B 63 0.41 11.56 26.24
CA LYS B 63 -0.92 11.06 26.58
C LYS B 63 -1.80 10.92 25.33
N GLY B 64 -2.33 9.73 25.10
CA GLY B 64 -3.23 9.52 23.97
C GLY B 64 -4.66 9.46 24.45
N SER B 65 -5.58 10.06 23.70
CA SER B 65 -7.00 9.92 24.03
C SER B 65 -7.90 10.02 22.80
N GLY B 66 -9.19 9.76 23.00
CA GLY B 66 -10.18 9.83 21.94
C GLY B 66 -10.89 8.53 21.60
N SER B 67 -11.88 8.61 20.72
CA SER B 67 -12.54 7.40 20.22
C SER B 67 -13.32 7.72 18.95
N GLY B 68 -13.96 6.71 18.37
CA GLY B 68 -14.73 6.92 17.16
C GLY B 68 -13.83 7.46 16.07
N THR B 69 -14.06 8.71 15.69
CA THR B 69 -13.31 9.32 14.60
C THR B 69 -12.32 10.41 15.05
N GLU B 70 -12.22 10.66 16.34
CA GLU B 70 -11.49 11.85 16.83
C GLU B 70 -10.51 11.51 17.93
N TYR B 71 -9.23 11.78 17.70
CA TYR B 71 -8.15 11.36 18.60
C TYR B 71 -7.19 12.52 18.86
N THR B 72 -6.51 12.46 19.99
CA THR B 72 -5.62 13.54 20.41
C THR B 72 -4.38 12.97 21.07
N LEU B 73 -3.22 13.55 20.76
CA LEU B 73 -1.98 13.31 21.49
C LEU B 73 -1.63 14.60 22.22
N THR B 74 -1.39 14.49 23.53
CA THR B 74 -0.96 15.62 24.33
C THR B 74 0.44 15.34 24.85
N ILE B 75 1.32 16.33 24.73
CA ILE B 75 2.66 16.20 25.32
C ILE B 75 2.80 17.27 26.40
N SER B 76 2.98 16.83 27.65
CA SER B 76 3.17 17.76 28.79
C SER B 76 4.65 17.96 29.13
N GLY B 77 4.95 19.10 29.75
CA GLY B 77 6.31 19.36 30.27
C GLY B 77 7.32 19.28 29.16
N VAL B 78 6.94 19.83 28.01
CA VAL B 78 7.76 19.83 26.80
C VAL B 78 9.24 20.19 26.99
N GLN B 79 10.13 19.37 26.44
CA GLN B 79 11.58 19.59 26.56
CA GLN B 79 11.56 19.60 26.55
C GLN B 79 12.19 19.65 25.16
N CYS B 80 13.41 20.14 25.06
CA CYS B 80 14.09 20.19 23.77
C CYS B 80 14.19 18.82 23.11
N ASP B 81 14.32 17.80 23.94
CA ASP B 81 14.44 16.43 23.45
C ASP B 81 13.14 15.97 22.76
N ASP B 82 12.03 16.71 22.95
CA ASP B 82 10.75 16.36 22.29
C ASP B 82 10.55 16.98 20.88
N ALA B 83 11.44 17.88 20.48
CA ALA B 83 11.37 18.50 19.17
C ALA B 83 11.49 17.38 18.11
N ALA B 84 10.44 17.20 17.32
CA ALA B 84 10.33 16.05 16.40
C ALA B 84 9.08 16.19 15.54
N THR B 85 8.88 15.27 14.61
CA THR B 85 7.61 15.12 13.88
C THR B 85 6.79 13.98 14.45
N TYR B 86 5.51 14.23 14.67
CA TYR B 86 4.62 13.24 15.28
C TYR B 86 3.57 12.77 14.27
N TYR B 87 3.28 11.47 14.24
CA TYR B 87 2.32 10.91 13.29
C TYR B 87 1.29 10.10 14.02
N CYS B 88 0.03 10.23 13.61
CA CYS B 88 -0.95 9.23 14.01
C CYS B 88 -1.01 8.16 12.92
N GLN B 89 -1.62 7.01 13.25
CA GLN B 89 -1.72 5.90 12.32
C GLN B 89 -2.89 4.97 12.69
N GLN B 90 -3.79 4.72 11.74
CA GLN B 90 -4.88 3.77 12.01
C GLN B 90 -4.44 2.35 11.69
N GLY B 91 -4.79 1.44 12.60
CA GLY B 91 -4.56 0.00 12.43
C GLY B 91 -5.90 -0.72 12.33
N TYR B 92 -6.94 0.02 12.00
CA TYR B 92 -8.30 -0.52 11.88
C TYR B 92 -8.49 -1.42 10.62
N THR B 93 -7.95 -0.98 9.48
CA THR B 93 -8.05 -1.78 8.26
C THR B 93 -6.90 -1.59 7.27
N SER B 94 -6.61 -2.64 6.52
CA SER B 94 -5.70 -2.48 5.40
C SER B 94 -6.41 -2.40 4.04
N SER B 95 -7.76 -2.47 4.03
CA SER B 95 -8.52 -2.38 2.75
C SER B 95 -9.03 -1.02 2.44
N ASN B 96 -8.98 -0.63 1.17
CA ASN B 96 -9.51 0.68 0.76
C ASN B 96 -8.82 1.84 1.50
N VAL B 97 -7.49 1.77 1.57
CA VAL B 97 -6.71 2.82 2.24
C VAL B 97 -5.85 3.56 1.24
N ASN B 98 -5.79 4.88 1.34
CA ASN B 98 -4.69 5.60 0.65
C ASN B 98 -3.45 5.86 1.49
N ASN B 99 -3.65 6.30 2.73
CA ASN B 99 -2.54 6.34 3.68
C ASN B 99 -3.06 5.98 5.05
N ALA B 100 -2.45 4.99 5.67
CA ALA B 100 -2.74 4.65 7.06
C ALA B 100 -2.26 5.73 8.05
N PHE B 101 -1.24 6.50 7.66
CA PHE B 101 -0.71 7.57 8.52
C PHE B 101 -1.37 8.89 8.24
N GLY B 102 -1.49 9.72 9.28
CA GLY B 102 -1.75 11.14 9.10
C GLY B 102 -0.52 11.84 8.52
N GLY B 103 -0.69 13.10 8.17
CA GLY B 103 0.31 13.89 7.46
C GLY B 103 1.47 14.32 8.35
N GLY B 104 1.36 14.13 9.67
CA GLY B 104 2.45 14.49 10.56
C GLY B 104 2.30 15.89 11.11
N THR B 105 2.91 16.14 12.27
CA THR B 105 2.91 17.44 12.92
C THR B 105 4.32 17.72 13.44
N GLU B 106 4.90 18.82 12.97
CA GLU B 106 6.23 19.20 13.42
C GLU B 106 6.06 19.98 14.70
N VAL B 107 6.75 19.55 15.75
CA VAL B 107 6.73 20.27 17.01
C VAL B 107 8.02 21.04 17.17
N VAL B 108 7.91 22.37 17.28
CA VAL B 108 9.06 23.25 17.51
C VAL B 108 9.05 23.65 18.96
N VAL B 109 10.15 23.40 19.65
CA VAL B 109 10.26 23.70 21.06
C VAL B 109 11.05 25.00 21.24
N LYS B 110 10.46 25.96 21.94
CA LYS B 110 11.11 27.27 22.14
C LYS B 110 11.96 27.26 23.42
N GLY B 111 13.26 27.01 23.29
CA GLY B 111 14.14 27.00 24.46
C GLY B 111 14.77 28.39 24.66
N ASP B 112 15.86 28.46 25.42
CA ASP B 112 16.58 29.71 25.67
C ASP B 112 17.03 30.33 24.34
N PRO B 113 16.74 31.63 24.11
CA PRO B 113 17.20 32.23 22.85
C PRO B 113 18.71 32.38 22.79
N VAL B 114 19.25 32.28 21.57
CA VAL B 114 20.68 32.42 21.32
C VAL B 114 20.82 33.17 19.99
N ALA B 115 21.64 34.22 19.97
CA ALA B 115 21.97 34.94 18.74
C ALA B 115 22.95 34.11 17.88
N PRO B 116 22.80 34.15 16.55
CA PRO B 116 23.68 33.35 15.68
C PRO B 116 25.14 33.82 15.62
N THR B 117 26.05 32.87 15.44
CA THR B 117 27.42 33.14 15.09
C THR B 117 27.53 32.98 13.58
N VAL B 118 27.95 34.02 12.87
CA VAL B 118 27.89 34.06 11.41
C VAL B 118 29.26 34.11 10.77
N LEU B 119 29.46 33.32 9.72
CA LEU B 119 30.74 33.24 9.06
C LEU B 119 30.49 33.25 7.56
N ILE B 120 31.38 33.86 6.78
CA ILE B 120 31.28 33.78 5.32
C ILE B 120 32.57 33.23 4.75
N PHE B 121 32.44 32.41 3.72
CA PHE B 121 33.58 31.76 3.08
C PHE B 121 33.58 32.09 1.59
N PRO B 122 34.65 32.74 1.11
CA PRO B 122 34.71 33.01 -0.32
C PRO B 122 35.03 31.72 -1.06
N PRO B 123 34.66 31.65 -2.35
CA PRO B 123 34.88 30.40 -3.09
C PRO B 123 36.38 30.16 -3.26
N ALA B 124 36.85 28.94 -3.09
CA ALA B 124 38.26 28.65 -3.35
C ALA B 124 38.61 28.82 -4.83
N ALA B 125 39.90 29.06 -5.11
CA ALA B 125 40.41 29.08 -6.48
C ALA B 125 39.98 27.87 -7.36
N ASP B 126 40.03 26.68 -6.79
CA ASP B 126 39.61 25.50 -7.55
C ASP B 126 38.13 25.53 -7.95
N GLN B 127 37.30 26.27 -7.22
CA GLN B 127 35.92 26.48 -7.65
C GLN B 127 35.81 27.41 -8.84
N VAL B 128 36.43 28.59 -8.73
CA VAL B 128 36.38 29.59 -9.78
C VAL B 128 36.75 28.96 -11.13
N ALA B 129 37.77 28.11 -11.11
CA ALA B 129 38.21 27.40 -12.33
C ALA B 129 37.17 26.46 -12.98
N THR B 130 36.11 26.06 -12.27
CA THR B 130 35.07 25.20 -12.89
C THR B 130 34.02 25.98 -13.68
N GLY B 131 34.04 27.30 -13.59
CA GLY B 131 33.05 28.09 -14.30
C GLY B 131 31.90 28.57 -13.41
N THR B 132 31.69 27.89 -12.29
CA THR B 132 30.62 28.18 -11.36
C THR B 132 31.20 28.32 -9.96
N VAL B 133 30.74 29.30 -9.18
CA VAL B 133 31.17 29.42 -7.80
C VAL B 133 29.99 29.40 -6.83
N THR B 134 30.27 28.93 -5.63
CA THR B 134 29.30 28.92 -4.56
C THR B 134 29.92 29.65 -3.38
N ILE B 135 29.23 30.67 -2.92
CA ILE B 135 29.71 31.37 -1.77
C ILE B 135 28.92 30.81 -0.61
N VAL B 136 29.58 30.53 0.49
CA VAL B 136 28.89 29.90 1.64
C VAL B 136 28.83 30.84 2.83
N CYS B 137 27.65 30.98 3.40
CA CYS B 137 27.47 31.71 4.64
C CYS B 137 26.83 30.78 5.66
N VAL B 138 27.35 30.74 6.88
CA VAL B 138 26.79 29.88 7.91
C VAL B 138 26.38 30.71 9.12
N ALA B 139 25.22 30.35 9.69
CA ALA B 139 24.74 30.91 10.96
C ALA B 139 24.67 29.76 11.97
N ASN B 140 25.55 29.79 12.96
CA ASN B 140 25.65 28.68 13.87
C ASN B 140 24.99 28.92 15.24
N LYS B 141 24.29 27.90 15.70
CA LYS B 141 23.75 27.82 17.04
C LYS B 141 22.83 28.97 17.38
N TYR B 142 21.61 28.92 16.88
CA TYR B 142 20.74 30.05 17.11
C TYR B 142 19.32 29.61 17.36
N PHE B 143 18.58 30.46 18.07
CA PHE B 143 17.14 30.31 18.27
C PHE B 143 16.62 31.68 18.76
N PRO B 144 15.50 32.19 18.21
CA PRO B 144 14.56 31.64 17.19
C PRO B 144 15.07 31.82 15.75
N ASP B 145 14.22 31.52 14.78
CA ASP B 145 14.59 31.50 13.35
C ASP B 145 15.13 32.84 12.87
N VAL B 146 15.99 32.77 11.84
CA VAL B 146 16.58 33.97 11.28
C VAL B 146 16.25 34.08 9.80
N THR B 147 16.52 35.25 9.23
CA THR B 147 16.34 35.48 7.80
C THR B 147 17.72 35.76 7.24
N VAL B 148 18.05 35.23 6.08
CA VAL B 148 19.33 35.58 5.46
C VAL B 148 19.10 36.47 4.24
N THR B 149 19.87 37.56 4.15
CA THR B 149 19.88 38.42 2.96
C THR B 149 21.29 38.44 2.39
N TRP B 150 21.40 38.20 1.07
CA TRP B 150 22.69 38.27 0.41
C TRP B 150 22.77 39.62 -0.35
N GLU B 151 23.92 40.26 -0.33
CA GLU B 151 24.07 41.53 -1.04
C GLU B 151 25.35 41.49 -1.82
N VAL B 152 25.29 41.96 -3.07
CA VAL B 152 26.48 41.98 -3.89
C VAL B 152 26.69 43.45 -4.33
N ASP B 153 27.80 44.02 -3.89
CA ASP B 153 27.99 45.47 -4.02
C ASP B 153 26.74 46.26 -3.61
N GLY B 154 26.09 45.81 -2.53
CA GLY B 154 24.98 46.53 -1.95
C GLY B 154 23.66 46.31 -2.63
N THR B 155 23.64 45.51 -3.69
CA THR B 155 22.37 45.10 -4.29
C THR B 155 21.91 43.75 -3.74
N THR B 156 20.67 43.69 -3.27
CA THR B 156 20.08 42.48 -2.77
C THR B 156 19.97 41.43 -3.86
N GLN B 157 20.47 40.23 -3.57
CA GLN B 157 20.29 39.08 -4.45
C GLN B 157 18.96 38.42 -4.20
N THR B 158 18.31 38.00 -5.26
CA THR B 158 17.02 37.32 -5.15
C THR B 158 17.04 35.95 -5.78
N THR B 159 18.11 35.64 -6.50
CA THR B 159 18.26 34.34 -7.16
C THR B 159 19.59 33.70 -6.84
N GLY B 160 19.68 32.40 -7.06
CA GLY B 160 20.92 31.66 -6.90
C GLY B 160 21.19 31.24 -5.45
N ILE B 161 20.20 31.44 -4.58
CA ILE B 161 20.35 31.21 -3.12
C ILE B 161 19.72 29.92 -2.65
N GLU B 162 20.45 29.09 -1.90
CA GLU B 162 19.86 27.92 -1.23
C GLU B 162 20.15 27.88 0.27
N ASN B 163 19.15 27.49 1.04
CA ASN B 163 19.26 27.53 2.51
C ASN B 163 19.02 26.13 3.04
N SER B 164 19.85 25.69 3.97
CA SER B 164 19.72 24.35 4.55
C SER B 164 19.84 24.42 6.06
N LYS B 165 18.75 24.12 6.75
CA LYS B 165 18.72 24.28 8.21
C LYS B 165 18.67 22.92 8.91
N THR B 166 19.50 22.73 9.95
CA THR B 166 19.49 21.47 10.72
C THR B 166 18.17 21.35 11.46
N PRO B 167 17.85 20.13 11.97
CA PRO B 167 16.74 20.05 12.93
C PRO B 167 17.14 20.74 14.26
N GLN B 168 16.20 20.98 15.15
CA GLN B 168 16.56 21.57 16.44
C GLN B 168 17.47 20.63 17.18
N ASN B 169 18.46 21.18 17.87
CA ASN B 169 19.34 20.42 18.78
C ASN B 169 18.56 19.85 19.96
N SER B 170 18.70 18.55 20.24
CA SER B 170 17.79 17.91 21.19
C SER B 170 18.13 18.33 22.65
N ALA B 171 19.27 18.99 22.86
CA ALA B 171 19.68 19.41 24.21
C ALA B 171 19.29 20.87 24.46
N ASP B 172 19.44 21.71 23.44
CA ASP B 172 19.27 23.16 23.63
C ASP B 172 18.38 23.89 22.64
N CYS B 173 17.71 23.13 21.75
CA CYS B 173 16.71 23.68 20.83
C CYS B 173 17.24 24.55 19.68
N THR B 174 18.56 24.74 19.57
CA THR B 174 19.09 25.64 18.56
C THR B 174 19.22 25.02 17.20
N TYR B 175 19.29 25.88 16.17
CA TYR B 175 19.54 25.45 14.78
C TYR B 175 20.93 25.83 14.32
N ASN B 176 21.40 25.20 13.25
CA ASN B 176 22.48 25.75 12.45
C ASN B 176 21.97 25.87 11.02
N LEU B 177 22.46 26.86 10.31
CA LEU B 177 21.98 27.15 8.97
C LEU B 177 23.14 27.36 8.04
N SER B 178 23.09 26.72 6.88
CA SER B 178 24.04 27.07 5.84
C SER B 178 23.25 27.75 4.73
N SER B 179 23.75 28.88 4.22
CA SER B 179 23.10 29.56 3.10
C SER B 179 24.14 29.69 1.98
N THR B 180 23.79 29.32 0.76
CA THR B 180 24.79 29.42 -0.31
C THR B 180 24.29 30.32 -1.44
N LEU B 181 25.21 31.05 -2.05
CA LEU B 181 24.89 31.86 -3.21
C LEU B 181 25.73 31.33 -4.36
N THR B 182 25.09 30.95 -5.46
CA THR B 182 25.80 30.35 -6.58
C THR B 182 25.77 31.28 -7.81
N LEU B 183 26.92 31.51 -8.44
CA LEU B 183 27.04 32.46 -9.56
C LEU B 183 27.98 31.86 -10.59
N THR B 184 27.92 32.31 -11.85
CA THR B 184 28.93 31.88 -12.79
C THR B 184 30.22 32.59 -12.38
N SER B 185 31.35 32.01 -12.76
CA SER B 185 32.63 32.63 -12.48
C SER B 185 32.71 34.02 -13.09
N THR B 186 32.07 34.22 -14.24
CA THR B 186 32.03 35.55 -14.87
C THR B 186 31.18 36.50 -14.04
N GLN B 187 29.98 36.08 -13.67
CA GLN B 187 29.14 36.87 -12.78
C GLN B 187 29.90 37.22 -11.49
N TYR B 188 30.60 36.23 -10.91
CA TYR B 188 31.38 36.45 -9.67
C TYR B 188 32.49 37.48 -9.83
N ASN B 189 33.12 37.45 -11.01
CA ASN B 189 34.17 38.41 -11.30
C ASN B 189 33.66 39.80 -11.68
N SER B 190 32.37 39.88 -12.02
CA SER B 190 31.72 41.14 -12.36
C SER B 190 31.47 42.05 -11.14
N HIS B 191 31.86 41.63 -9.94
CA HIS B 191 31.54 42.37 -8.72
C HIS B 191 32.66 42.30 -7.67
N LYS B 192 32.61 43.15 -6.64
CA LYS B 192 33.66 43.21 -5.63
C LYS B 192 33.29 42.73 -4.21
N GLU B 193 32.25 43.30 -3.64
CA GLU B 193 31.96 43.03 -2.24
C GLU B 193 30.79 42.07 -2.09
N TYR B 194 30.99 41.01 -1.32
CA TYR B 194 29.98 39.98 -1.12
C TYR B 194 29.60 39.92 0.37
N THR B 195 28.31 40.04 0.66
CA THR B 195 27.83 40.23 2.02
C THR B 195 26.70 39.25 2.33
N CYS B 196 26.81 38.59 3.48
CA CYS B 196 25.72 37.82 4.03
C CYS B 196 25.18 38.57 5.26
N LYS B 197 23.88 38.79 5.30
CA LYS B 197 23.26 39.48 6.42
C LYS B 197 22.23 38.56 7.09
N VAL B 198 22.38 38.36 8.39
CA VAL B 198 21.51 37.40 9.08
C VAL B 198 20.69 38.17 10.10
N THR B 199 19.36 38.10 9.99
CA THR B 199 18.55 38.89 10.90
C THR B 199 17.70 38.03 11.83
N GLN B 200 17.70 38.37 13.12
CA GLN B 200 16.90 37.66 14.12
C GLN B 200 16.08 38.72 14.86
N GLY B 201 14.77 38.67 14.76
CA GLY B 201 13.98 39.73 15.32
C GLY B 201 14.30 40.99 14.52
N THR B 202 14.83 42.02 15.17
CA THR B 202 15.28 43.21 14.46
C THR B 202 16.79 43.33 14.43
N THR B 203 17.48 42.37 15.05
CA THR B 203 18.92 42.47 15.19
C THR B 203 19.67 41.76 14.06
N SER B 204 20.48 42.53 13.34
CA SER B 204 21.23 42.00 12.22
C SER B 204 22.71 41.80 12.53
N VAL B 205 23.26 40.76 11.92
CA VAL B 205 24.68 40.43 12.03
C VAL B 205 25.15 40.32 10.58
N VAL B 206 26.27 40.96 10.26
CA VAL B 206 26.72 41.02 8.89
C VAL B 206 28.14 40.49 8.75
N GLN B 207 28.40 39.68 7.73
CA GLN B 207 29.77 39.31 7.37
C GLN B 207 30.02 39.56 5.88
N SER B 208 31.17 40.10 5.53
CA SER B 208 31.49 40.44 4.14
C SER B 208 32.91 40.07 3.81
N PHE B 209 33.20 39.98 2.50
CA PHE B 209 34.57 39.99 2.02
C PHE B 209 34.62 40.72 0.68
N ASN B 210 35.80 41.19 0.29
CA ASN B 210 36.02 41.75 -1.05
C ASN B 210 36.71 40.70 -1.90
N ARG B 211 36.10 40.33 -3.04
CA ARG B 211 36.69 39.36 -3.97
C ARG B 211 38.16 39.64 -4.29
N GLY B 212 38.52 40.92 -4.39
CA GLY B 212 39.90 41.31 -4.65
C GLY B 212 40.89 40.86 -3.61
N ASP B 213 40.52 41.00 -2.33
CA ASP B 213 41.43 40.71 -1.22
C ASP B 213 41.63 39.21 -0.98
N CYS B 214 41.04 38.38 -1.84
CA CYS B 214 41.16 36.93 -1.71
C CYS B 214 42.14 36.35 -2.72
N SER C 2 -24.45 -33.72 1.69
CA SER C 2 -24.33 -32.29 1.49
C SER C 2 -23.86 -31.55 2.74
N VAL C 3 -23.27 -30.39 2.54
CA VAL C 3 -22.92 -29.50 3.64
C VAL C 3 -23.42 -28.10 3.32
N GLU C 4 -23.99 -27.45 4.32
CA GLU C 4 -24.40 -26.05 4.21
C GLU C 4 -23.81 -25.24 5.38
N GLU C 5 -23.15 -24.13 5.07
CA GLU C 5 -22.63 -23.20 6.09
C GLU C 5 -23.67 -22.15 6.46
N SER C 6 -23.73 -21.78 7.73
CA SER C 6 -24.52 -20.62 8.09
C SER C 6 -23.80 -19.78 9.15
N GLY C 7 -24.31 -18.58 9.40
CA GLY C 7 -23.81 -17.75 10.49
C GLY C 7 -23.07 -16.51 10.05
N GLY C 8 -22.71 -16.41 8.78
CA GLY C 8 -21.98 -15.25 8.28
C GLY C 8 -22.86 -14.01 8.37
N ARG C 9 -22.25 -12.89 8.79
CA ARG C 9 -22.97 -11.64 8.87
C ARG C 9 -22.00 -10.47 9.06
N LEU C 10 -22.52 -9.26 9.06
CA LEU C 10 -21.73 -8.08 9.39
C LEU C 10 -21.50 -7.99 10.91
N VAL C 11 -20.24 -8.03 11.36
CA VAL C 11 -19.94 -7.81 12.79
C VAL C 11 -18.87 -6.72 12.99
N THR C 12 -18.91 -6.03 14.13
CA THR C 12 -17.82 -5.11 14.48
C THR C 12 -16.56 -5.89 14.91
N PRO C 13 -15.37 -5.32 14.66
CA PRO C 13 -14.13 -6.01 15.03
C PRO C 13 -14.14 -6.25 16.52
N GLY C 14 -13.74 -7.46 16.94
CA GLY C 14 -13.66 -7.79 18.35
C GLY C 14 -14.88 -8.56 18.83
N THR C 15 -15.93 -8.60 18.01
CA THR C 15 -17.13 -9.31 18.39
C THR C 15 -17.00 -10.79 18.04
N PRO C 16 -17.11 -11.68 19.04
CA PRO C 16 -17.00 -13.11 18.74
C PRO C 16 -18.14 -13.60 17.82
N LEU C 17 -17.82 -14.49 16.90
CA LEU C 17 -18.81 -15.00 15.96
C LEU C 17 -18.63 -16.48 15.73
N THR C 18 -19.72 -17.22 15.68
CA THR C 18 -19.66 -18.66 15.44
C THR C 18 -20.33 -18.99 14.11
N LEU C 19 -19.60 -19.73 13.27
CA LEU C 19 -20.18 -20.26 12.04
C LEU C 19 -20.55 -21.73 12.23
N THR C 20 -21.60 -22.18 11.55
CA THR C 20 -22.02 -23.56 11.65
C THR C 20 -22.01 -24.27 10.29
N CYS C 21 -21.40 -25.44 10.26
CA CYS C 21 -21.53 -26.33 9.11
C CYS C 21 -22.47 -27.48 9.45
N THR C 22 -23.62 -27.57 8.78
CA THR C 22 -24.54 -28.72 8.99
C THR C 22 -24.41 -29.76 7.90
N VAL C 23 -24.15 -31.01 8.27
CA VAL C 23 -23.93 -32.05 7.27
C VAL C 23 -25.09 -33.01 7.22
N SER C 24 -25.27 -33.61 6.04
CA SER C 24 -26.34 -34.57 5.77
C SER C 24 -25.80 -35.69 4.88
N GLY C 25 -26.13 -36.94 5.19
CA GLY C 25 -25.88 -38.04 4.27
C GLY C 25 -24.54 -38.73 4.39
N PHE C 26 -23.77 -38.38 5.41
CA PHE C 26 -22.55 -39.11 5.70
C PHE C 26 -22.19 -38.93 7.18
N SER C 27 -21.25 -39.74 7.67
CA SER C 27 -20.90 -39.78 9.10
C SER C 27 -19.64 -38.97 9.43
N LEU C 28 -19.71 -38.16 10.48
CA LEU C 28 -18.51 -37.45 10.94
C LEU C 28 -17.53 -38.37 11.64
N SER C 29 -17.95 -39.62 11.86
CA SER C 29 -17.05 -40.65 12.38
C SER C 29 -16.30 -41.34 11.26
N THR C 30 -16.59 -40.92 10.02
CA THR C 30 -15.86 -41.41 8.86
C THR C 30 -15.07 -40.31 8.16
N TYR C 31 -15.66 -39.14 8.07
CA TYR C 31 -15.09 -38.02 7.33
C TYR C 31 -14.52 -36.96 8.24
N THR C 32 -13.38 -36.42 7.82
CA THR C 32 -12.72 -35.28 8.45
C THR C 32 -13.29 -33.97 7.87
N MET C 33 -13.61 -33.00 8.72
CA MET C 33 -14.15 -31.72 8.21
C MET C 33 -13.10 -30.62 8.33
N ASN C 34 -13.11 -29.71 7.36
CA ASN C 34 -12.15 -28.63 7.30
C ASN C 34 -12.86 -27.29 7.15
N TRP C 35 -12.28 -26.25 7.75
CA TRP C 35 -12.69 -24.89 7.43
C TRP C 35 -11.64 -24.21 6.55
N VAL C 36 -12.12 -23.54 5.51
CA VAL C 36 -11.29 -22.86 4.50
C VAL C 36 -11.93 -21.51 4.26
N ARG C 37 -11.13 -20.44 4.17
CA ARG C 37 -11.75 -19.15 3.84
C ARG C 37 -11.07 -18.50 2.67
N GLN C 38 -11.71 -17.47 2.15
CA GLN C 38 -11.13 -16.75 1.03
C GLN C 38 -11.57 -15.31 1.10
N ALA C 39 -10.62 -14.40 1.25
CA ALA C 39 -10.89 -12.97 1.23
C ALA C 39 -11.22 -12.58 -0.20
N PRO C 40 -12.05 -11.54 -0.38
CA PRO C 40 -12.43 -11.18 -1.74
C PRO C 40 -11.21 -10.89 -2.63
N GLY C 41 -11.15 -11.64 -3.71
CA GLY C 41 -10.07 -11.49 -4.68
C GLY C 41 -8.76 -12.17 -4.29
N LYS C 42 -8.72 -12.90 -3.18
CA LYS C 42 -7.47 -13.50 -2.74
C LYS C 42 -7.56 -15.03 -2.78
N GLY C 43 -6.53 -15.73 -2.31
CA GLY C 43 -6.45 -17.18 -2.44
C GLY C 43 -7.13 -17.93 -1.31
N LEU C 44 -7.27 -19.24 -1.46
CA LEU C 44 -7.82 -20.11 -0.42
C LEU C 44 -6.88 -20.26 0.78
N GLU C 45 -7.43 -20.16 1.98
CA GLU C 45 -6.64 -20.34 3.20
C GLU C 45 -7.32 -21.41 4.04
N TRP C 46 -6.61 -22.52 4.22
CA TRP C 46 -7.01 -23.60 5.13
C TRP C 46 -6.85 -23.11 6.59
N ILE C 47 -7.94 -23.13 7.33
CA ILE C 47 -7.92 -22.65 8.70
C ILE C 47 -7.61 -23.78 9.68
N GLY C 48 -8.29 -24.91 9.51
CA GLY C 48 -8.13 -25.99 10.45
C GLY C 48 -9.07 -27.14 10.14
N ASP C 49 -8.92 -28.23 10.90
CA ASP C 49 -9.79 -29.37 10.68
C ASP C 49 -10.10 -30.11 11.98
N ILE C 50 -11.01 -31.07 11.87
CA ILE C 50 -11.32 -31.88 13.03
C ILE C 50 -11.44 -33.34 12.54
N TYR C 51 -10.59 -34.20 13.09
CA TYR C 51 -10.53 -35.59 12.68
C TYR C 51 -11.72 -36.37 13.23
N THR C 52 -11.90 -37.58 12.72
CA THR C 52 -13.03 -38.40 13.11
C THR C 52 -13.01 -38.59 14.63
N ASP C 53 -11.82 -38.79 15.20
CA ASP C 53 -11.69 -38.99 16.64
C ASP C 53 -11.80 -37.72 17.48
N GLY C 54 -11.94 -36.56 16.82
CA GLY C 54 -12.14 -35.32 17.54
C GLY C 54 -10.90 -34.44 17.68
N ASN C 55 -9.72 -34.97 17.36
CA ASN C 55 -8.51 -34.15 17.36
C ASN C 55 -8.68 -32.99 16.39
N THR C 56 -8.32 -31.78 16.83
CA THR C 56 -8.41 -30.61 15.98
C THR C 56 -7.02 -30.05 15.72
N TYR C 57 -6.86 -29.47 14.53
CA TYR C 57 -5.59 -28.86 14.17
C TYR C 57 -5.85 -27.55 13.46
N TYR C 58 -4.98 -26.57 13.65
CA TYR C 58 -5.14 -25.26 13.06
C TYR C 58 -3.87 -24.89 12.29
N ALA C 59 -4.04 -24.16 11.20
CA ALA C 59 -2.91 -23.48 10.56
C ALA C 59 -2.13 -22.71 11.64
N ASN C 60 -0.80 -22.64 11.52
CA ASN C 60 0.01 -21.92 12.53
C ASN C 60 -0.48 -20.48 12.77
N TRP C 61 -0.86 -19.78 11.71
CA TRP C 61 -1.36 -18.40 11.88
C TRP C 61 -2.71 -18.37 12.60
N ALA C 62 -3.47 -19.45 12.48
CA ALA C 62 -4.81 -19.55 13.05
C ALA C 62 -4.85 -20.00 14.50
N LYS C 63 -3.73 -20.54 15.02
CA LYS C 63 -3.69 -21.07 16.38
C LYS C 63 -4.00 -19.98 17.38
N GLY C 64 -5.01 -20.20 18.22
CA GLY C 64 -5.44 -19.23 19.22
C GLY C 64 -6.44 -18.19 18.72
N ARG C 65 -6.81 -18.25 17.46
CA ARG C 65 -7.70 -17.24 16.87
C ARG C 65 -9.04 -17.87 16.46
N PHE C 66 -9.05 -19.19 16.38
CA PHE C 66 -10.24 -19.94 15.98
C PHE C 66 -10.38 -21.18 16.84
N THR C 67 -11.61 -21.64 17.03
CA THR C 67 -11.83 -22.93 17.66
C THR C 67 -12.81 -23.73 16.81
N ILE C 68 -12.47 -24.98 16.54
CA ILE C 68 -13.36 -25.85 15.80
C ILE C 68 -13.91 -26.93 16.74
N SER C 69 -15.20 -27.19 16.65
CA SER C 69 -15.81 -28.28 17.40
C SER C 69 -16.90 -28.94 16.55
N LYS C 70 -17.39 -30.08 16.99
CA LYS C 70 -18.40 -30.79 16.22
C LYS C 70 -19.37 -31.56 17.12
N THR C 71 -20.54 -31.84 16.57
CA THR C 71 -21.50 -32.77 17.17
C THR C 71 -21.67 -33.87 16.13
N SER C 72 -22.71 -34.70 16.24
CA SER C 72 -22.87 -35.76 15.23
C SER C 72 -23.29 -35.20 13.88
N THR C 73 -23.91 -34.03 13.87
CA THR C 73 -24.47 -33.48 12.64
C THR C 73 -23.92 -32.11 12.24
N THR C 74 -23.21 -31.45 13.16
CA THR C 74 -22.72 -30.10 12.87
C THR C 74 -21.24 -29.95 13.17
N VAL C 75 -20.57 -29.06 12.43
CA VAL C 75 -19.22 -28.61 12.82
C VAL C 75 -19.27 -27.10 13.00
N ASP C 76 -18.62 -26.61 14.05
CA ASP C 76 -18.58 -25.17 14.31
C ASP C 76 -17.19 -24.58 14.12
N LEU C 77 -17.16 -23.33 13.67
CA LEU C 77 -15.93 -22.57 13.69
C LEU C 77 -16.21 -21.34 14.51
N LYS C 78 -15.59 -21.23 15.69
CA LYS C 78 -15.71 -19.97 16.43
C LYS C 78 -14.54 -19.02 16.09
N ILE C 79 -14.88 -17.81 15.67
CA ILE C 79 -13.87 -16.79 15.40
C ILE C 79 -13.75 -15.96 16.65
N THR C 80 -12.63 -16.12 17.34
CA THR C 80 -12.49 -15.62 18.71
C THR C 80 -12.60 -14.12 18.81
N SER C 81 -11.80 -13.42 17.99
CA SER C 81 -11.79 -11.98 18.04
C SER C 81 -11.42 -11.39 16.68
N PRO C 82 -12.42 -11.26 15.81
CA PRO C 82 -12.20 -10.87 14.41
C PRO C 82 -11.74 -9.44 14.23
N THR C 83 -10.94 -9.26 13.20
CA THR C 83 -10.47 -7.96 12.77
C THR C 83 -11.03 -7.81 11.35
N THR C 84 -10.92 -6.62 10.76
CA THR C 84 -11.42 -6.41 9.42
C THR C 84 -10.77 -7.40 8.43
N GLU C 85 -9.53 -7.80 8.71
CA GLU C 85 -8.82 -8.72 7.81
C GLU C 85 -9.39 -10.15 7.80
N ASP C 86 -10.28 -10.47 8.74
CA ASP C 86 -11.01 -11.75 8.70
C ASP C 86 -12.28 -11.70 7.82
N THR C 87 -12.54 -10.58 7.17
CA THR C 87 -13.63 -10.50 6.20
C THR C 87 -13.32 -11.48 5.08
N ALA C 88 -14.26 -12.39 4.80
CA ALA C 88 -14.07 -13.51 3.85
C ALA C 88 -15.32 -14.37 3.70
N THR C 89 -15.34 -15.14 2.61
CA THR C 89 -16.26 -16.24 2.54
C THR C 89 -15.62 -17.45 3.22
N TYR C 90 -16.35 -18.07 4.13
CA TYR C 90 -15.88 -19.26 4.87
C TYR C 90 -16.61 -20.55 4.39
N PHE C 91 -15.83 -21.56 3.99
CA PHE C 91 -16.34 -22.81 3.45
C PHE C 91 -16.03 -23.92 4.43
N CYS C 92 -16.94 -24.87 4.58
CA CYS C 92 -16.55 -26.11 5.23
C CYS C 92 -16.45 -27.16 4.15
N ALA C 93 -15.54 -28.11 4.32
CA ALA C 93 -15.37 -29.16 3.31
C ALA C 93 -14.88 -30.45 3.95
N ARG C 94 -15.32 -31.59 3.41
CA ARG C 94 -14.96 -32.87 3.98
C ARG C 94 -13.82 -33.46 3.17
N ASP C 95 -12.90 -34.13 3.85
CA ASP C 95 -11.96 -35.00 3.14
C ASP C 95 -11.86 -36.39 3.78
N SER C 96 -11.10 -37.26 3.14
CA SER C 96 -10.93 -38.63 3.58
C SER C 96 -9.71 -39.18 2.85
N TRP C 97 -9.21 -40.31 3.33
CA TRP C 97 -8.03 -40.94 2.76
C TRP C 97 -7.89 -42.36 3.30
N ASP C 98 -7.05 -43.17 2.67
CA ASP C 98 -6.69 -44.43 3.27
C ASP C 98 -5.18 -44.43 3.39
N ALA C 99 -4.57 -45.59 3.52
CA ALA C 99 -3.13 -45.67 3.73
C ALA C 99 -2.31 -45.45 2.47
N SER C 100 -2.97 -45.20 1.34
CA SER C 100 -2.24 -44.87 0.10
C SER C 100 -2.72 -43.61 -0.61
N SER C 101 -4.02 -43.36 -0.58
CA SER C 101 -4.63 -42.33 -1.40
C SER C 101 -5.25 -41.23 -0.55
N TYR C 102 -4.94 -39.97 -0.88
CA TYR C 102 -5.72 -38.83 -0.38
C TYR C 102 -6.92 -38.63 -1.34
N TYR C 103 -8.14 -38.70 -0.81
CA TYR C 103 -9.33 -38.62 -1.67
C TYR C 103 -9.77 -37.17 -1.93
N GLY C 104 -9.09 -36.23 -1.28
CA GLY C 104 -9.36 -34.81 -1.47
C GLY C 104 -10.55 -34.23 -0.75
N LEU C 105 -10.73 -32.92 -0.91
CA LEU C 105 -11.84 -32.19 -0.36
C LEU C 105 -12.93 -32.24 -1.39
N ASP C 106 -13.77 -33.27 -1.30
CA ASP C 106 -14.70 -33.57 -2.39
C ASP C 106 -16.03 -32.83 -2.28
N LEU C 107 -16.45 -32.53 -1.06
CA LEU C 107 -17.75 -31.91 -0.87
C LEU C 107 -17.57 -30.61 -0.09
N TRP C 108 -18.00 -29.50 -0.69
CA TRP C 108 -17.84 -28.17 -0.12
C TRP C 108 -19.22 -27.55 0.02
N GLY C 109 -19.39 -26.61 0.95
CA GLY C 109 -20.64 -25.85 1.01
C GLY C 109 -20.54 -24.72 0.00
N GLN C 110 -21.60 -23.92 -0.15
CA GLN C 110 -21.52 -22.72 -1.01
C GLN C 110 -20.78 -21.55 -0.33
N GLY C 111 -20.54 -21.68 0.97
CA GLY C 111 -19.78 -20.68 1.69
C GLY C 111 -20.72 -19.74 2.40
N THR C 112 -20.24 -19.13 3.47
CA THR C 112 -20.98 -18.11 4.15
C THR C 112 -20.07 -16.86 4.29
N LEU C 113 -20.64 -15.69 4.07
CA LEU C 113 -19.85 -14.46 4.04
C LEU C 113 -19.76 -13.81 5.42
N VAL C 114 -18.54 -13.61 5.92
CA VAL C 114 -18.36 -12.82 7.13
C VAL C 114 -17.81 -11.44 6.74
N THR C 115 -18.55 -10.37 7.05
CA THR C 115 -18.00 -9.02 6.91
C THR C 115 -17.68 -8.38 8.27
N VAL C 116 -16.42 -8.01 8.49
CA VAL C 116 -16.07 -7.45 9.80
C VAL C 116 -15.76 -5.97 9.56
N SER C 117 -16.54 -5.09 10.17
CA SER C 117 -16.45 -3.67 9.84
C SER C 117 -17.11 -2.85 10.93
N SER C 118 -16.67 -1.61 11.11
CA SER C 118 -17.33 -0.73 12.06
C SER C 118 -18.53 -0.05 11.40
N GLY C 119 -18.69 -0.27 10.10
CA GLY C 119 -19.75 0.42 9.35
C GLY C 119 -21.15 -0.16 9.57
N GLN C 120 -22.18 0.68 9.46
CA GLN C 120 -23.56 0.26 9.66
C GLN C 120 -24.12 -0.34 8.37
N PRO C 121 -25.03 -1.32 8.50
CA PRO C 121 -25.65 -1.86 7.28
C PRO C 121 -26.33 -0.72 6.53
N LYS C 122 -26.32 -0.79 5.21
CA LYS C 122 -27.02 0.18 4.41
C LYS C 122 -27.70 -0.52 3.21
N GLY C 123 -28.97 -0.22 3.02
CA GLY C 123 -29.72 -0.82 1.93
C GLY C 123 -29.39 -0.18 0.60
N PRO C 124 -29.67 -0.87 -0.49
CA PRO C 124 -29.28 -0.36 -1.82
C PRO C 124 -30.26 0.67 -2.38
N SER C 125 -29.77 1.57 -3.23
CA SER C 125 -30.64 2.36 -4.11
C SER C 125 -30.62 1.69 -5.48
N VAL C 126 -31.74 1.67 -6.19
CA VAL C 126 -31.79 1.06 -7.51
C VAL C 126 -32.28 2.08 -8.53
N PHE C 127 -31.51 2.25 -9.59
CA PHE C 127 -31.79 3.23 -10.63
C PHE C 127 -31.88 2.52 -11.98
N PRO C 128 -32.89 2.87 -12.80
CA PRO C 128 -32.97 2.19 -14.10
C PRO C 128 -31.83 2.61 -15.06
N LEU C 129 -31.51 1.73 -15.99
CA LEU C 129 -30.55 2.03 -17.04
C LEU C 129 -31.32 1.87 -18.36
N ALA C 130 -31.30 2.89 -19.19
CA ALA C 130 -32.00 2.85 -20.46
C ALA C 130 -31.36 3.81 -21.44
N PRO C 131 -31.53 3.57 -22.76
CA PRO C 131 -31.02 4.47 -23.80
C PRO C 131 -31.46 5.91 -23.59
N CYS C 132 -30.60 6.86 -23.93
CA CYS C 132 -30.86 8.30 -23.77
C CYS C 132 -32.27 8.77 -24.18
N SER C 138 -34.30 0.69 -34.49
CA SER C 138 -34.16 0.49 -33.04
C SER C 138 -34.30 -0.98 -32.62
N SER C 139 -35.47 -1.56 -32.87
CA SER C 139 -35.75 -2.98 -32.62
C SER C 139 -35.49 -3.43 -31.19
N THR C 140 -34.61 -4.44 -31.06
CA THR C 140 -34.20 -4.97 -29.76
C THR C 140 -33.44 -3.91 -28.92
N VAL C 141 -33.66 -3.90 -27.61
CA VAL C 141 -33.09 -2.85 -26.77
C VAL C 141 -32.40 -3.42 -25.53
N THR C 142 -31.41 -2.70 -25.02
CA THR C 142 -30.75 -3.08 -23.78
C THR C 142 -31.13 -2.17 -22.62
N LEU C 143 -31.70 -2.78 -21.57
CA LEU C 143 -32.08 -2.05 -20.37
C LEU C 143 -31.37 -2.66 -19.17
N GLY C 144 -31.41 -1.98 -18.04
CA GLY C 144 -30.79 -2.53 -16.86
C GLY C 144 -31.10 -1.80 -15.58
N CYS C 145 -30.42 -2.19 -14.52
N CYS C 145 -30.44 -2.19 -14.51
CA CYS C 145 -30.56 -1.56 -13.22
CA CYS C 145 -30.54 -1.46 -13.27
C CYS C 145 -29.17 -1.33 -12.62
C CYS C 145 -29.20 -1.32 -12.60
N LEU C 146 -28.98 -0.15 -12.02
CA LEU C 146 -27.78 0.13 -11.30
C LEU C 146 -28.16 0.03 -9.81
N VAL C 147 -27.44 -0.83 -9.07
CA VAL C 147 -27.70 -1.02 -7.64
C VAL C 147 -26.57 -0.32 -6.89
N LYS C 148 -26.87 0.79 -6.21
CA LYS C 148 -25.81 1.62 -5.62
C LYS C 148 -25.88 1.71 -4.13
N GLY C 149 -24.71 1.75 -3.46
CA GLY C 149 -24.63 2.19 -2.07
C GLY C 149 -25.04 1.24 -0.95
N TYR C 150 -24.74 -0.04 -1.07
CA TYR C 150 -25.16 -1.01 -0.07
C TYR C 150 -23.99 -1.64 0.71
N LEU C 151 -24.29 -2.12 1.92
CA LEU C 151 -23.33 -2.79 2.79
C LEU C 151 -24.11 -3.63 3.79
N PRO C 152 -23.66 -4.88 4.08
CA PRO C 152 -22.54 -5.60 3.45
C PRO C 152 -22.99 -6.22 2.13
N GLU C 153 -22.06 -6.89 1.44
CA GLU C 153 -22.43 -7.72 0.31
C GLU C 153 -23.13 -8.95 0.89
N PRO C 154 -23.87 -9.68 0.06
CA PRO C 154 -24.14 -9.47 -1.37
C PRO C 154 -25.54 -8.90 -1.60
N VAL C 155 -25.81 -8.44 -2.82
CA VAL C 155 -27.18 -8.27 -3.28
C VAL C 155 -27.33 -9.30 -4.39
N THR C 156 -28.54 -9.81 -4.59
CA THR C 156 -28.76 -10.68 -5.73
C THR C 156 -29.75 -9.99 -6.64
N VAL C 157 -29.58 -10.14 -7.94
CA VAL C 157 -30.48 -9.48 -8.89
C VAL C 157 -31.10 -10.48 -9.82
N THR C 158 -32.43 -10.47 -9.95
CA THR C 158 -33.05 -11.20 -11.06
C THR C 158 -33.90 -10.27 -11.93
N TRP C 159 -34.40 -10.82 -13.03
CA TRP C 159 -35.28 -10.11 -13.93
C TRP C 159 -36.60 -10.88 -14.09
N ASN C 160 -37.71 -10.16 -13.93
CA ASN C 160 -39.06 -10.74 -13.98
C ASN C 160 -39.24 -11.95 -13.07
N SER C 161 -38.85 -11.76 -11.82
CA SER C 161 -38.92 -12.79 -10.79
C SER C 161 -38.13 -14.07 -11.13
N GLY C 162 -37.20 -13.96 -12.06
CA GLY C 162 -36.38 -15.10 -12.46
C GLY C 162 -36.83 -15.73 -13.76
N THR C 163 -37.97 -15.28 -14.29
CA THR C 163 -38.49 -15.85 -15.54
C THR C 163 -37.83 -15.24 -16.76
N LEU C 164 -36.87 -14.35 -16.56
CA LEU C 164 -36.12 -13.75 -17.67
C LEU C 164 -34.63 -13.95 -17.47
N THR C 165 -34.06 -14.86 -18.23
CA THR C 165 -32.65 -15.26 -18.07
C THR C 165 -31.84 -15.04 -19.35
N ASN C 166 -32.48 -15.24 -20.49
CA ASN C 166 -31.83 -15.01 -21.77
C ASN C 166 -31.47 -13.54 -21.97
N GLY C 167 -30.23 -13.28 -22.34
CA GLY C 167 -29.81 -11.91 -22.62
C GLY C 167 -29.29 -11.15 -21.40
N VAL C 168 -29.33 -11.79 -20.24
CA VAL C 168 -28.92 -11.16 -18.97
C VAL C 168 -27.42 -11.21 -18.75
N ARG C 169 -26.83 -10.03 -18.53
CA ARG C 169 -25.45 -9.93 -18.10
C ARG C 169 -25.44 -9.14 -16.79
N THR C 170 -25.02 -9.80 -15.71
CA THR C 170 -24.91 -9.18 -14.40
C THR C 170 -23.44 -9.11 -14.03
N PHE C 171 -22.97 -7.92 -13.67
CA PHE C 171 -21.55 -7.69 -13.45
C PHE C 171 -21.12 -7.88 -11.99
N PRO C 172 -19.85 -8.21 -11.76
CA PRO C 172 -19.34 -8.30 -10.40
C PRO C 172 -19.51 -6.97 -9.71
N SER C 173 -19.72 -7.00 -8.40
CA SER C 173 -19.91 -5.80 -7.63
C SER C 173 -18.59 -5.04 -7.56
N VAL C 174 -18.67 -3.76 -7.25
CA VAL C 174 -17.48 -2.95 -7.10
C VAL C 174 -17.61 -2.20 -5.79
N ARG C 175 -16.51 -2.09 -5.04
CA ARG C 175 -16.47 -1.24 -3.86
C ARG C 175 -16.25 0.22 -4.30
N GLN C 176 -17.14 1.11 -3.89
CA GLN C 176 -16.97 2.53 -4.13
C GLN C 176 -15.93 3.14 -3.19
N SER C 177 -15.48 4.35 -3.52
CA SER C 177 -14.53 5.06 -2.68
C SER C 177 -14.96 5.10 -1.22
N SER C 178 -16.28 5.20 -1.01
CA SER C 178 -16.83 5.37 0.34
C SER C 178 -16.84 4.06 1.10
N GLY C 179 -16.58 2.94 0.41
CA GLY C 179 -16.66 1.63 1.04
C GLY C 179 -18.00 0.91 0.84
N LEU C 180 -18.99 1.61 0.28
CA LEU C 180 -20.27 0.96 -0.07
C LEU C 180 -20.11 0.23 -1.41
N TYR C 181 -21.03 -0.68 -1.72
CA TYR C 181 -20.92 -1.47 -2.96
C TYR C 181 -21.95 -1.09 -4.03
N SER C 182 -21.57 -1.33 -5.29
CA SER C 182 -22.47 -1.14 -6.40
C SER C 182 -22.40 -2.35 -7.30
N LEU C 183 -23.48 -2.57 -8.04
CA LEU C 183 -23.58 -3.70 -8.91
C LEU C 183 -24.55 -3.29 -10.00
N SER C 184 -24.23 -3.61 -11.24
CA SER C 184 -25.14 -3.33 -12.35
C SER C 184 -25.50 -4.62 -13.07
N SER C 185 -26.71 -4.66 -13.63
CA SER C 185 -27.13 -5.80 -14.44
C SER C 185 -27.93 -5.27 -15.62
N VAL C 186 -27.74 -5.85 -16.81
CA VAL C 186 -28.45 -5.40 -17.99
C VAL C 186 -29.06 -6.59 -18.70
N VAL C 187 -30.14 -6.34 -19.44
CA VAL C 187 -30.76 -7.36 -20.23
C VAL C 187 -31.11 -6.76 -21.59
N SER C 188 -30.95 -7.57 -22.63
CA SER C 188 -31.33 -7.17 -23.98
C SER C 188 -32.66 -7.79 -24.33
N VAL C 189 -33.60 -6.95 -24.70
CA VAL C 189 -34.93 -7.40 -25.15
C VAL C 189 -35.31 -6.79 -26.50
N SER C 193 -42.09 -5.11 -27.39
CA SER C 193 -41.63 -6.05 -26.37
C SER C 193 -42.24 -5.75 -25.00
N GLN C 194 -42.20 -6.73 -24.10
CA GLN C 194 -42.77 -6.60 -22.76
C GLN C 194 -41.85 -5.81 -21.81
N PRO C 195 -42.43 -5.04 -20.87
CA PRO C 195 -41.67 -4.24 -19.90
C PRO C 195 -41.03 -5.09 -18.80
N VAL C 196 -39.75 -4.84 -18.51
CA VAL C 196 -38.96 -5.72 -17.64
C VAL C 196 -38.73 -5.12 -16.25
N THR C 197 -38.73 -6.01 -15.27
CA THR C 197 -38.59 -5.61 -13.89
C THR C 197 -37.38 -6.28 -13.28
N CYS C 198 -36.46 -5.45 -12.76
N CYS C 198 -36.51 -5.45 -12.69
CA CYS C 198 -35.33 -6.00 -12.02
CA CYS C 198 -35.33 -5.92 -12.01
C CYS C 198 -35.74 -6.22 -10.57
C CYS C 198 -35.67 -6.18 -10.54
N ASN C 199 -35.34 -7.36 -10.03
CA ASN C 199 -35.63 -7.69 -8.62
C ASN C 199 -34.31 -7.76 -7.83
N VAL C 200 -34.15 -6.87 -6.86
CA VAL C 200 -32.88 -6.75 -6.13
C VAL C 200 -33.10 -7.15 -4.70
N ALA C 201 -32.43 -8.21 -4.26
CA ALA C 201 -32.56 -8.67 -2.88
C ALA C 201 -31.32 -8.32 -2.07
N HIS C 202 -31.53 -7.75 -0.89
CA HIS C 202 -30.44 -7.49 0.04
C HIS C 202 -30.77 -8.08 1.41
N PRO C 203 -30.54 -9.40 1.57
CA PRO C 203 -30.87 -10.15 2.80
C PRO C 203 -30.35 -9.47 4.05
N ALA C 204 -29.17 -8.87 3.96
CA ALA C 204 -28.55 -8.26 5.14
C ALA C 204 -29.39 -7.18 5.82
N THR C 205 -30.18 -6.46 5.04
CA THR C 205 -31.07 -5.44 5.60
C THR C 205 -32.52 -5.84 5.43
N ASN C 206 -32.72 -7.13 5.14
CA ASN C 206 -34.07 -7.66 5.02
C ASN C 206 -34.87 -6.87 4.00
N THR C 207 -34.23 -6.56 2.86
CA THR C 207 -34.84 -5.71 1.84
C THR C 207 -34.96 -6.38 0.48
N LYS C 208 -36.06 -6.10 -0.20
CA LYS C 208 -36.15 -6.37 -1.61
C LYS C 208 -36.67 -5.14 -2.33
N VAL C 209 -36.08 -4.82 -3.49
CA VAL C 209 -36.56 -3.71 -4.30
C VAL C 209 -36.86 -4.22 -5.70
N ASP C 210 -38.03 -3.87 -6.22
CA ASP C 210 -38.36 -4.11 -7.61
C ASP C 210 -38.37 -2.80 -8.38
N LYS C 211 -37.67 -2.78 -9.50
CA LYS C 211 -37.70 -1.61 -10.35
C LYS C 211 -38.09 -2.00 -11.78
N THR C 212 -39.20 -1.46 -12.27
CA THR C 212 -39.61 -1.72 -13.65
C THR C 212 -38.99 -0.70 -14.59
N VAL C 213 -38.26 -1.17 -15.58
CA VAL C 213 -37.50 -0.28 -16.45
C VAL C 213 -38.25 0.02 -17.75
N ALA C 214 -38.38 1.32 -18.02
CA ALA C 214 -39.12 1.82 -19.16
C ALA C 214 -38.19 2.08 -20.34
N PRO C 215 -38.51 1.49 -21.51
CA PRO C 215 -37.73 1.76 -22.73
C PRO C 215 -37.79 3.23 -23.16
N ALA D 1 5.52 -25.02 9.20
CA ALA D 1 6.60 -24.93 8.25
C ALA D 1 6.38 -25.83 7.01
N ILE D 2 5.36 -26.70 7.05
CA ILE D 2 5.02 -27.46 5.84
C ILE D 2 4.37 -26.53 4.83
N LYS D 3 5.03 -26.31 3.70
CA LYS D 3 4.66 -25.26 2.75
C LYS D 3 4.46 -25.75 1.30
N MET D 4 3.45 -25.20 0.63
CA MET D 4 3.19 -25.51 -0.79
C MET D 4 3.54 -24.29 -1.62
N THR D 5 4.37 -24.45 -2.64
CA THR D 5 4.78 -23.31 -3.46
C THR D 5 4.35 -23.58 -4.88
N GLN D 6 3.35 -22.83 -5.33
CA GLN D 6 2.72 -23.12 -6.61
C GLN D 6 3.11 -22.07 -7.63
N THR D 7 3.58 -22.51 -8.78
CA THR D 7 4.00 -21.59 -9.84
C THR D 7 3.50 -22.06 -11.19
N PRO D 8 3.27 -21.13 -12.13
CA PRO D 8 3.41 -19.68 -11.94
C PRO D 8 2.12 -19.11 -11.35
N SER D 9 2.04 -17.81 -11.13
CA SER D 9 0.81 -17.26 -10.52
C SER D 9 -0.27 -16.90 -11.54
N SER D 10 0.14 -16.66 -12.78
CA SER D 10 -0.82 -16.50 -13.88
C SER D 10 -0.26 -17.11 -15.16
N VAL D 11 -1.14 -17.68 -15.98
CA VAL D 11 -0.76 -18.12 -17.32
C VAL D 11 -1.88 -17.84 -18.30
N SER D 12 -1.50 -17.59 -19.54
CA SER D 12 -2.48 -17.53 -20.62
C SER D 12 -2.09 -18.54 -21.69
N ALA D 13 -3.09 -19.14 -22.32
CA ALA D 13 -2.82 -20.07 -23.41
C ALA D 13 -3.95 -20.04 -24.42
N ALA D 14 -3.60 -20.24 -25.69
CA ALA D 14 -4.58 -20.25 -26.76
C ALA D 14 -5.44 -21.50 -26.67
N VAL D 15 -6.68 -21.39 -27.14
CA VAL D 15 -7.54 -22.55 -27.30
C VAL D 15 -6.77 -23.67 -28.00
N GLY D 16 -6.88 -24.89 -27.48
CA GLY D 16 -6.16 -26.03 -28.02
C GLY D 16 -4.75 -26.22 -27.50
N GLY D 17 -4.18 -25.17 -26.91
CA GLY D 17 -2.82 -25.21 -26.38
C GLY D 17 -2.73 -26.00 -25.08
N THR D 18 -1.61 -25.92 -24.38
CA THR D 18 -1.51 -26.60 -23.07
C THR D 18 -0.96 -25.72 -21.94
N VAL D 19 -1.52 -25.93 -20.75
CA VAL D 19 -1.10 -25.21 -19.55
C VAL D 19 -0.41 -26.17 -18.58
N THR D 20 0.69 -25.71 -17.99
CA THR D 20 1.41 -26.48 -16.99
C THR D 20 1.50 -25.72 -15.67
N ILE D 21 1.09 -26.35 -14.58
CA ILE D 21 1.17 -25.70 -13.26
C ILE D 21 2.00 -26.58 -12.31
N ASN D 22 2.94 -25.98 -11.60
CA ASN D 22 3.83 -26.71 -10.71
C ASN D 22 3.55 -26.48 -9.23
N CYS D 23 3.64 -27.55 -8.45
CA CYS D 23 3.50 -27.47 -7.00
C CYS D 23 4.76 -28.05 -6.39
N GLN D 24 5.42 -27.29 -5.54
CA GLN D 24 6.56 -27.80 -4.79
C GLN D 24 6.19 -27.88 -3.31
N ALA D 25 6.33 -29.06 -2.72
CA ALA D 25 6.06 -29.25 -1.30
C ALA D 25 7.39 -29.19 -0.55
N SER D 26 7.39 -28.56 0.61
CA SER D 26 8.63 -28.38 1.36
C SER D 26 9.13 -29.68 1.99
N GLU D 27 8.27 -30.71 2.07
CA GLU D 27 8.68 -32.05 2.50
C GLU D 27 8.02 -33.09 1.60
N ASP D 28 8.49 -34.34 1.65
CA ASP D 28 7.86 -35.45 0.94
C ASP D 28 6.42 -35.69 1.41
N ILE D 29 5.44 -35.43 0.53
CA ILE D 29 4.03 -35.62 0.89
C ILE D 29 3.44 -36.88 0.26
N LYS D 30 4.33 -37.66 -0.36
CA LYS D 30 4.03 -38.98 -0.94
C LYS D 30 2.67 -39.12 -1.61
N ARG D 31 2.46 -38.24 -2.58
CA ARG D 31 1.27 -38.22 -3.42
C ARG D 31 -0.02 -37.89 -2.67
N TYR D 32 0.08 -37.37 -1.45
CA TYR D 32 -1.13 -36.94 -0.75
C TYR D 32 -1.44 -35.52 -1.18
N LEU D 33 -1.93 -35.40 -2.42
CA LEU D 33 -2.08 -34.09 -3.04
C LEU D 33 -3.32 -34.06 -3.92
N ALA D 34 -4.02 -32.94 -3.92
CA ALA D 34 -5.21 -32.77 -4.74
C ALA D 34 -5.07 -31.48 -5.53
N TRP D 35 -5.74 -31.41 -6.67
CA TRP D 35 -5.83 -30.19 -7.48
C TRP D 35 -7.27 -29.70 -7.57
N TYR D 36 -7.49 -28.40 -7.43
CA TYR D 36 -8.83 -27.85 -7.52
C TYR D 36 -8.96 -26.79 -8.60
N GLN D 37 -10.18 -26.65 -9.12
CA GLN D 37 -10.49 -25.60 -10.07
C GLN D 37 -11.52 -24.70 -9.42
N GLN D 38 -11.31 -23.38 -9.48
CA GLN D 38 -12.30 -22.46 -8.92
C GLN D 38 -12.61 -21.32 -9.88
N LYS D 39 -13.90 -21.10 -10.11
CA LYS D 39 -14.40 -20.01 -10.93
C LYS D 39 -15.11 -19.00 -10.02
N PRO D 40 -15.20 -17.74 -10.45
CA PRO D 40 -15.75 -16.71 -9.55
C PRO D 40 -17.13 -17.04 -9.00
N GLY D 41 -17.29 -16.90 -7.70
CA GLY D 41 -18.59 -17.03 -7.06
C GLY D 41 -18.98 -18.46 -6.75
N GLN D 42 -18.05 -19.38 -6.90
CA GLN D 42 -18.33 -20.80 -6.63
C GLN D 42 -17.32 -21.38 -5.66
N PRO D 43 -17.69 -22.48 -4.99
CA PRO D 43 -16.63 -23.15 -4.23
C PRO D 43 -15.68 -23.80 -5.20
N PRO D 44 -14.48 -24.18 -4.75
CA PRO D 44 -13.56 -24.95 -5.57
C PRO D 44 -14.18 -26.30 -5.92
N LYS D 45 -13.74 -26.85 -7.05
CA LYS D 45 -14.21 -28.15 -7.53
C LYS D 45 -12.97 -29.04 -7.57
N LEU D 46 -13.04 -30.21 -6.95
CA LEU D 46 -11.93 -31.15 -6.97
C LEU D 46 -11.71 -31.66 -8.40
N LEU D 47 -10.48 -31.64 -8.92
CA LEU D 47 -10.22 -32.18 -10.25
C LEU D 47 -9.46 -33.48 -10.13
N ILE D 48 -8.43 -33.45 -9.30
CA ILE D 48 -7.49 -34.56 -9.20
C ILE D 48 -7.26 -34.89 -7.74
N TYR D 49 -7.28 -36.17 -7.38
CA TYR D 49 -6.98 -36.57 -6.02
C TYR D 49 -5.87 -37.61 -6.09
N ALA D 50 -5.27 -37.90 -4.95
CA ALA D 50 -4.15 -38.85 -4.89
C ALA D 50 -3.09 -38.55 -5.94
N ALA D 51 -2.81 -37.26 -6.16
CA ALA D 51 -1.80 -36.75 -7.09
C ALA D 51 -2.09 -36.90 -8.59
N SER D 52 -2.68 -38.03 -9.00
CA SER D 52 -2.80 -38.35 -10.42
C SER D 52 -4.18 -38.88 -10.86
N LYS D 53 -5.12 -38.98 -9.92
CA LYS D 53 -6.41 -39.64 -10.18
C LYS D 53 -7.57 -38.67 -10.51
N LEU D 54 -8.25 -38.94 -11.61
CA LEU D 54 -9.30 -38.05 -12.07
C LEU D 54 -10.56 -38.24 -11.23
N ALA D 55 -11.10 -37.14 -10.69
CA ALA D 55 -12.37 -37.20 -9.98
C ALA D 55 -13.50 -37.42 -10.97
N SER D 56 -14.66 -37.85 -10.47
CA SER D 56 -15.82 -38.17 -11.30
C SER D 56 -16.26 -37.02 -12.18
N GLY D 57 -16.40 -37.30 -13.47
CA GLY D 57 -16.96 -36.34 -14.41
C GLY D 57 -15.98 -35.29 -14.86
N VAL D 58 -14.78 -35.31 -14.29
CA VAL D 58 -13.72 -34.40 -14.68
C VAL D 58 -13.13 -34.88 -16.00
N SER D 59 -12.95 -33.94 -16.93
CA SER D 59 -12.40 -34.24 -18.26
C SER D 59 -10.98 -34.82 -18.19
N SER D 60 -10.71 -35.80 -19.06
CA SER D 60 -9.37 -36.38 -19.17
C SER D 60 -8.34 -35.39 -19.75
N ARG D 61 -8.77 -34.21 -20.18
CA ARG D 61 -7.84 -33.16 -20.59
C ARG D 61 -6.97 -32.68 -19.41
N PHE D 62 -7.39 -33.02 -18.19
CA PHE D 62 -6.64 -32.66 -16.98
C PHE D 62 -5.78 -33.83 -16.53
N LYS D 63 -4.48 -33.60 -16.45
CA LYS D 63 -3.56 -34.66 -16.06
C LYS D 63 -2.75 -34.22 -14.84
N GLY D 64 -2.83 -35.00 -13.77
CA GLY D 64 -1.96 -34.77 -12.63
C GLY D 64 -0.80 -35.74 -12.60
N SER D 65 0.41 -35.24 -12.34
CA SER D 65 1.58 -36.10 -12.22
C SER D 65 2.50 -35.67 -11.09
N GLY D 66 3.50 -36.49 -10.79
CA GLY D 66 4.49 -36.13 -9.81
C GLY D 66 4.54 -37.06 -8.62
N SER D 67 5.57 -36.87 -7.79
CA SER D 67 5.82 -37.68 -6.61
C SER D 67 6.75 -36.91 -5.68
N GLY D 68 6.94 -37.37 -4.45
CA GLY D 68 7.89 -36.76 -3.55
C GLY D 68 7.52 -35.35 -3.14
N THR D 69 8.27 -34.36 -3.65
CA THR D 69 8.07 -32.96 -3.30
C THR D 69 7.61 -32.16 -4.52
N GLU D 70 7.61 -32.77 -5.69
CA GLU D 70 7.32 -32.08 -6.95
C GLU D 70 6.09 -32.61 -7.70
N TYR D 71 5.11 -31.73 -7.94
CA TYR D 71 3.85 -32.11 -8.57
C TYR D 71 3.42 -31.14 -9.68
N THR D 72 2.74 -31.68 -10.69
CA THR D 72 2.33 -30.90 -11.85
C THR D 72 0.88 -31.17 -12.28
N LEU D 73 0.13 -30.11 -12.55
CA LEU D 73 -1.14 -30.22 -13.27
C LEU D 73 -0.92 -29.83 -14.74
N THR D 74 -1.36 -30.69 -15.65
CA THR D 74 -1.33 -30.38 -17.08
C THR D 74 -2.72 -30.35 -17.70
N ILE D 75 -3.06 -29.22 -18.32
CA ILE D 75 -4.29 -29.12 -19.07
C ILE D 75 -3.96 -29.16 -20.55
N SER D 76 -4.29 -30.25 -21.23
CA SER D 76 -4.00 -30.37 -22.66
C SER D 76 -4.96 -29.52 -23.50
N GLY D 77 -5.64 -30.10 -24.49
CA GLY D 77 -6.50 -29.34 -25.40
C GLY D 77 -7.39 -28.28 -24.73
N VAL D 78 -6.81 -27.15 -24.40
CA VAL D 78 -7.45 -26.12 -23.59
C VAL D 78 -8.72 -25.55 -24.24
N GLN D 79 -9.77 -25.42 -23.43
CA GLN D 79 -11.03 -24.84 -23.91
C GLN D 79 -11.37 -23.59 -23.10
N CYS D 80 -12.42 -22.88 -23.52
CA CYS D 80 -12.85 -21.68 -22.84
C CYS D 80 -13.36 -21.96 -21.43
N ASP D 81 -14.01 -23.10 -21.23
CA ASP D 81 -14.53 -23.41 -19.90
C ASP D 81 -13.42 -23.82 -18.89
N ASP D 82 -12.15 -23.65 -19.28
CA ASP D 82 -11.03 -23.97 -18.41
C ASP D 82 -10.45 -22.74 -17.73
N ALA D 83 -10.83 -21.56 -18.21
CA ALA D 83 -10.48 -20.31 -17.57
C ALA D 83 -10.96 -20.34 -16.13
N ALA D 84 -10.02 -20.33 -15.20
CA ALA D 84 -10.32 -20.35 -13.78
C ALA D 84 -9.04 -20.12 -13.01
N THR D 85 -9.13 -20.19 -11.69
CA THR D 85 -7.96 -20.24 -10.82
C THR D 85 -7.80 -21.67 -10.34
N TYR D 86 -6.59 -22.19 -10.41
CA TYR D 86 -6.31 -23.56 -9.99
C TYR D 86 -5.47 -23.54 -8.71
N TYR D 87 -5.71 -24.49 -7.79
CA TYR D 87 -4.95 -24.60 -6.55
C TYR D 87 -4.47 -26.03 -6.35
N CYS D 88 -3.26 -26.18 -5.84
CA CYS D 88 -2.85 -27.49 -5.33
C CYS D 88 -3.11 -27.46 -3.85
N GLN D 89 -3.20 -28.63 -3.22
CA GLN D 89 -3.37 -28.72 -1.78
C GLN D 89 -2.78 -30.04 -1.30
N GLN D 90 -1.98 -29.99 -0.25
CA GLN D 90 -1.44 -31.20 0.37
C GLN D 90 -2.40 -31.73 1.44
N GLY D 91 -2.58 -33.04 1.44
CA GLY D 91 -3.45 -33.70 2.43
C GLY D 91 -2.64 -34.73 3.19
N TYR D 92 -1.35 -34.44 3.35
CA TYR D 92 -0.42 -35.34 4.01
C TYR D 92 -0.43 -35.11 5.51
N THR D 93 -0.44 -33.85 5.93
CA THR D 93 -0.45 -33.58 7.36
C THR D 93 -1.29 -32.38 7.73
N SER D 94 -1.82 -32.37 8.94
CA SER D 94 -2.50 -31.19 9.51
C SER D 94 -1.67 -30.44 10.54
N SER D 95 -0.47 -30.95 10.83
CA SER D 95 0.39 -30.35 11.86
C SER D 95 1.47 -29.48 11.27
N ASN D 96 1.75 -28.37 11.96
CA ASN D 96 2.80 -27.43 11.59
C ASN D 96 2.65 -26.95 10.15
N VAL D 97 1.42 -26.56 9.81
CA VAL D 97 1.09 -26.15 8.47
C VAL D 97 0.77 -24.67 8.50
N ASN D 98 1.31 -23.89 7.56
CA ASN D 98 0.80 -22.54 7.44
C ASN D 98 -0.37 -22.42 6.47
N ASN D 99 -0.24 -22.97 5.28
CA ASN D 99 -1.41 -23.11 4.38
C ASN D 99 -1.28 -24.44 3.66
N ALA D 100 -2.36 -25.21 3.68
CA ALA D 100 -2.43 -26.47 2.96
C ALA D 100 -2.52 -26.23 1.46
N PHE D 101 -3.07 -25.09 1.06
CA PHE D 101 -3.18 -24.75 -0.36
C PHE D 101 -1.99 -23.96 -0.90
N GLY D 102 -1.64 -24.20 -2.15
CA GLY D 102 -0.70 -23.33 -2.82
C GLY D 102 -1.39 -22.01 -3.10
N GLY D 103 -0.64 -21.06 -3.66
CA GLY D 103 -1.10 -19.69 -3.78
C GLY D 103 -2.09 -19.45 -4.89
N GLY D 104 -2.25 -20.45 -5.77
CA GLY D 104 -3.20 -20.33 -6.86
C GLY D 104 -2.58 -19.94 -8.17
N THR D 105 -3.21 -20.31 -9.27
CA THR D 105 -2.75 -19.91 -10.61
C THR D 105 -3.94 -19.49 -11.46
N GLU D 106 -3.92 -18.26 -11.95
CA GLU D 106 -4.99 -17.80 -12.83
C GLU D 106 -4.71 -18.20 -14.25
N VAL D 107 -5.65 -18.93 -14.84
CA VAL D 107 -5.53 -19.32 -16.24
C VAL D 107 -6.47 -18.46 -17.11
N VAL D 108 -5.88 -17.73 -18.05
CA VAL D 108 -6.63 -16.94 -19.03
C VAL D 108 -6.56 -17.67 -20.37
N VAL D 109 -7.71 -17.80 -21.04
CA VAL D 109 -7.78 -18.57 -22.29
C VAL D 109 -7.99 -17.66 -23.48
N LYS D 110 -7.12 -17.79 -24.47
CA LYS D 110 -7.16 -16.94 -25.66
C LYS D 110 -8.06 -17.53 -26.76
N GLY D 111 -9.19 -16.88 -27.00
CA GLY D 111 -10.10 -17.32 -28.05
C GLY D 111 -10.05 -16.41 -29.27
N ASP D 112 -11.03 -16.57 -30.17
CA ASP D 112 -11.10 -15.74 -31.36
C ASP D 112 -11.41 -14.29 -30.99
N PRO D 113 -10.56 -13.37 -31.44
CA PRO D 113 -10.71 -11.93 -31.14
C PRO D 113 -12.02 -11.31 -31.66
N VAL D 114 -12.77 -10.69 -30.75
CA VAL D 114 -14.08 -10.14 -31.03
C VAL D 114 -14.13 -8.67 -30.60
N ALA D 115 -14.68 -7.81 -31.46
CA ALA D 115 -14.78 -6.39 -31.19
C ALA D 115 -15.98 -6.11 -30.29
N PRO D 116 -15.84 -5.12 -29.39
CA PRO D 116 -16.89 -4.78 -28.42
C PRO D 116 -18.04 -3.95 -28.98
N THR D 117 -19.27 -4.35 -28.67
CA THR D 117 -20.43 -3.48 -28.74
C THR D 117 -20.31 -2.54 -27.53
N VAL D 118 -20.75 -1.30 -27.65
CA VAL D 118 -20.68 -0.37 -26.53
C VAL D 118 -22.00 0.36 -26.35
N LEU D 119 -22.47 0.45 -25.10
CA LEU D 119 -23.69 1.20 -24.79
C LEU D 119 -23.42 2.21 -23.69
N ILE D 120 -24.01 3.39 -23.78
CA ILE D 120 -23.89 4.34 -22.69
C ILE D 120 -25.27 4.65 -22.10
N PHE D 121 -25.32 4.72 -20.76
CA PHE D 121 -26.58 4.94 -20.04
C PHE D 121 -26.53 6.22 -19.22
N PRO D 122 -27.34 7.22 -19.61
CA PRO D 122 -27.45 8.44 -18.80
C PRO D 122 -28.04 8.16 -17.41
N PRO D 123 -27.72 9.01 -16.41
CA PRO D 123 -28.27 8.87 -15.06
C PRO D 123 -29.79 8.92 -15.12
N ALA D 124 -30.47 8.02 -14.42
CA ALA D 124 -31.93 8.14 -14.28
C ALA D 124 -32.28 9.50 -13.67
N ALA D 125 -33.50 9.96 -13.89
CA ALA D 125 -33.88 11.30 -13.48
C ALA D 125 -33.69 11.56 -11.99
N ASP D 126 -33.75 10.51 -11.17
CA ASP D 126 -33.70 10.69 -9.71
C ASP D 126 -32.30 10.69 -9.08
N GLN D 127 -31.26 10.42 -9.87
CA GLN D 127 -29.91 10.48 -9.31
C GLN D 127 -29.51 11.91 -8.86
N VAL D 128 -29.70 12.90 -9.73
CA VAL D 128 -29.23 14.27 -9.49
C VAL D 128 -29.57 14.79 -8.10
N ALA D 129 -30.81 14.52 -7.64
CA ALA D 129 -31.27 14.93 -6.31
C ALA D 129 -30.36 14.45 -5.21
N THR D 130 -29.84 13.24 -5.37
CA THR D 130 -29.08 12.58 -4.31
C THR D 130 -27.74 13.24 -4.03
N GLY D 131 -27.29 14.14 -4.91
CA GLY D 131 -26.03 14.84 -4.71
C GLY D 131 -24.87 14.29 -5.51
N THR D 132 -24.94 13.01 -5.88
CA THR D 132 -23.98 12.41 -6.81
C THR D 132 -24.71 11.67 -7.93
N VAL D 133 -24.10 11.61 -9.12
CA VAL D 133 -24.66 10.85 -10.23
C VAL D 133 -23.63 9.90 -10.85
N THR D 134 -24.10 8.74 -11.26
CA THR D 134 -23.23 7.71 -11.79
C THR D 134 -23.65 7.37 -13.21
N ILE D 135 -22.72 7.55 -14.14
CA ILE D 135 -22.97 7.25 -15.54
C ILE D 135 -22.42 5.86 -15.80
N VAL D 136 -23.19 5.03 -16.50
CA VAL D 136 -22.73 3.68 -16.82
C VAL D 136 -22.42 3.54 -18.30
N CYS D 137 -21.28 2.92 -18.58
CA CYS D 137 -20.94 2.53 -19.92
C CYS D 137 -20.68 1.02 -19.90
N VAL D 138 -21.16 0.32 -20.91
CA VAL D 138 -20.99 -1.12 -21.00
C VAL D 138 -20.30 -1.50 -22.31
N ALA D 139 -19.26 -2.32 -22.21
CA ALA D 139 -18.64 -2.89 -23.40
C ALA D 139 -18.96 -4.40 -23.42
N ASN D 140 -19.71 -4.85 -24.42
CA ASN D 140 -20.18 -6.23 -24.42
C ASN D 140 -19.40 -7.17 -25.34
N LYS D 141 -19.29 -8.42 -24.90
CA LYS D 141 -18.77 -9.52 -25.72
C LYS D 141 -17.51 -9.18 -26.51
N TYR D 142 -16.38 -9.12 -25.82
CA TYR D 142 -15.13 -8.73 -26.48
C TYR D 142 -13.94 -9.58 -26.03
N PHE D 143 -12.92 -9.60 -26.89
CA PHE D 143 -11.63 -10.21 -26.60
C PHE D 143 -10.66 -9.77 -27.70
N PRO D 144 -9.43 -9.38 -27.32
CA PRO D 144 -8.85 -9.31 -25.97
C PRO D 144 -9.29 -8.07 -25.20
N ASP D 145 -8.61 -7.79 -24.09
CA ASP D 145 -8.96 -6.70 -23.19
C ASP D 145 -9.06 -5.36 -23.88
N VAL D 146 -9.91 -4.49 -23.31
CA VAL D 146 -10.09 -3.13 -23.81
C VAL D 146 -9.66 -2.12 -22.75
N THR D 147 -9.64 -0.86 -23.17
CA THR D 147 -9.39 0.26 -22.27
C THR D 147 -10.58 1.22 -22.37
N VAL D 148 -11.03 1.72 -21.22
CA VAL D 148 -12.11 2.71 -21.22
C VAL D 148 -11.56 4.09 -20.85
N THR D 149 -11.93 5.07 -21.65
CA THR D 149 -11.62 6.45 -21.34
C THR D 149 -12.92 7.23 -21.23
N TRP D 150 -13.11 7.93 -20.10
CA TRP D 150 -14.25 8.82 -19.96
C TRP D 150 -13.85 10.24 -20.32
N GLU D 151 -14.69 10.91 -21.09
CA GLU D 151 -14.48 12.31 -21.44
C GLU D 151 -15.70 13.14 -21.07
N VAL D 152 -15.46 14.31 -20.50
CA VAL D 152 -16.52 15.27 -20.23
C VAL D 152 -16.14 16.60 -20.91
N ASP D 153 -16.97 17.05 -21.84
CA ASP D 153 -16.65 18.20 -22.71
C ASP D 153 -15.26 18.05 -23.32
N GLY D 154 -14.96 16.87 -23.86
CA GLY D 154 -13.67 16.61 -24.46
C GLY D 154 -12.50 16.31 -23.52
N THR D 155 -12.61 16.72 -22.25
CA THR D 155 -11.56 16.47 -21.27
C THR D 155 -11.64 15.06 -20.66
N THR D 156 -10.62 14.25 -20.90
CA THR D 156 -10.60 12.88 -20.41
C THR D 156 -10.58 12.86 -18.88
N GLN D 157 -11.51 12.10 -18.30
CA GLN D 157 -11.72 12.07 -16.86
C GLN D 157 -10.68 11.20 -16.17
N THR D 158 -10.20 11.65 -15.02
CA THR D 158 -9.06 11.02 -14.33
C THR D 158 -9.45 10.25 -13.05
N THR D 159 -10.38 10.80 -12.28
CA THR D 159 -10.85 10.12 -11.06
C THR D 159 -12.33 9.76 -11.16
N GLY D 160 -12.82 9.05 -10.14
CA GLY D 160 -14.22 8.66 -10.06
C GLY D 160 -14.65 7.56 -11.00
N ILE D 161 -13.69 6.79 -11.54
CA ILE D 161 -14.02 5.71 -12.45
C ILE D 161 -13.84 4.33 -11.84
N GLU D 162 -14.86 3.49 -11.96
CA GLU D 162 -14.82 2.08 -11.53
C GLU D 162 -15.07 1.14 -12.70
N ASN D 163 -14.36 0.02 -12.74
CA ASN D 163 -14.53 -0.94 -13.81
C ASN D 163 -14.85 -2.33 -13.26
N SER D 164 -15.81 -3.00 -13.88
CA SER D 164 -16.15 -4.35 -13.47
C SER D 164 -16.20 -5.25 -14.70
N LYS D 165 -15.28 -6.21 -14.73
CA LYS D 165 -15.16 -7.13 -15.84
C LYS D 165 -15.69 -8.50 -15.41
N THR D 166 -16.52 -9.10 -16.26
CA THR D 166 -17.05 -10.44 -15.98
C THR D 166 -15.96 -11.48 -16.22
N PRO D 167 -16.17 -12.72 -15.71
CA PRO D 167 -15.23 -13.77 -16.11
C PRO D 167 -15.39 -14.09 -17.61
N GLN D 168 -14.41 -14.78 -18.17
CA GLN D 168 -14.47 -15.17 -19.57
C GLN D 168 -15.68 -16.06 -19.83
N ASN D 169 -16.37 -15.83 -20.93
CA ASN D 169 -17.54 -16.62 -21.25
C ASN D 169 -17.18 -18.09 -21.46
N SER D 170 -18.00 -18.98 -20.94
CA SER D 170 -17.72 -20.42 -20.95
C SER D 170 -17.53 -21.00 -22.36
N ALA D 171 -18.13 -20.36 -23.36
CA ALA D 171 -18.07 -20.84 -24.74
C ALA D 171 -17.36 -19.86 -25.68
N ASP D 172 -17.42 -18.58 -25.32
CA ASP D 172 -16.87 -17.48 -26.14
C ASP D 172 -15.40 -17.19 -25.87
N CYS D 173 -15.03 -17.20 -24.58
CA CYS D 173 -13.81 -16.59 -24.05
C CYS D 173 -13.95 -15.07 -23.88
N THR D 174 -15.06 -14.52 -24.34
CA THR D 174 -15.24 -13.09 -24.34
C THR D 174 -15.56 -12.56 -22.95
N TYR D 175 -15.28 -11.28 -22.76
CA TYR D 175 -15.61 -10.57 -21.54
C TYR D 175 -16.81 -9.68 -21.80
N ASN D 176 -17.39 -9.20 -20.71
CA ASN D 176 -18.23 -8.02 -20.71
C ASN D 176 -17.65 -7.04 -19.68
N LEU D 177 -17.88 -5.76 -19.87
CA LEU D 177 -17.28 -4.77 -18.97
C LEU D 177 -18.27 -3.71 -18.60
N SER D 178 -18.37 -3.42 -17.31
CA SER D 178 -19.23 -2.33 -16.88
C SER D 178 -18.37 -1.24 -16.32
N SER D 179 -18.46 -0.06 -16.92
CA SER D 179 -17.66 1.07 -16.47
C SER D 179 -18.55 2.17 -15.93
N THR D 180 -18.26 2.62 -14.71
CA THR D 180 -19.05 3.69 -14.11
C THR D 180 -18.22 4.96 -13.86
N LEU D 181 -18.77 6.10 -14.25
CA LEU D 181 -18.18 7.38 -13.92
C LEU D 181 -19.07 8.11 -12.90
N THR D 182 -18.52 8.44 -11.74
CA THR D 182 -19.29 9.11 -10.69
C THR D 182 -18.89 10.57 -10.55
N LEU D 183 -19.89 11.45 -10.44
CA LEU D 183 -19.67 12.90 -10.29
C LEU D 183 -20.66 13.49 -9.30
N THR D 184 -20.25 14.53 -8.57
CA THR D 184 -21.20 15.32 -7.78
C THR D 184 -22.15 16.01 -8.76
N SER D 185 -23.38 16.27 -8.33
CA SER D 185 -24.36 16.95 -9.18
C SER D 185 -23.83 18.30 -9.65
N THR D 186 -23.01 18.93 -8.80
CA THR D 186 -22.40 20.20 -9.15
C THR D 186 -21.56 20.06 -10.41
N GLN D 187 -20.68 19.06 -10.43
CA GLN D 187 -19.85 18.83 -11.61
C GLN D 187 -20.72 18.47 -12.79
N TYR D 188 -21.74 17.64 -12.52
CA TYR D 188 -22.61 17.11 -13.56
C TYR D 188 -23.33 18.18 -14.36
N ASN D 189 -24.00 19.07 -13.65
CA ASN D 189 -24.82 20.07 -14.28
C ASN D 189 -23.99 21.20 -14.88
N SER D 190 -22.68 21.17 -14.61
CA SER D 190 -21.74 22.17 -15.11
C SER D 190 -21.14 21.80 -16.48
N HIS D 191 -21.51 20.63 -17.00
CA HIS D 191 -21.06 20.21 -18.33
C HIS D 191 -22.22 19.65 -19.17
N LYS D 192 -21.97 19.43 -20.46
CA LYS D 192 -23.03 19.01 -21.39
C LYS D 192 -22.74 17.67 -22.09
N GLU D 193 -21.50 17.48 -22.53
CA GLU D 193 -21.15 16.33 -23.36
C GLU D 193 -20.44 15.24 -22.57
N TYR D 194 -21.11 14.10 -22.42
CA TYR D 194 -20.54 12.94 -21.72
C TYR D 194 -20.24 11.81 -22.67
N THR D 195 -18.97 11.45 -22.77
CA THR D 195 -18.54 10.47 -23.76
C THR D 195 -17.83 9.27 -23.15
N CYS D 196 -18.16 8.10 -23.68
CA CYS D 196 -17.49 6.87 -23.29
C CYS D 196 -16.67 6.34 -24.47
N LYS D 197 -15.38 6.12 -24.25
CA LYS D 197 -14.49 5.65 -25.31
C LYS D 197 -13.88 4.29 -24.98
N VAL D 198 -14.17 3.29 -25.79
CA VAL D 198 -13.64 1.96 -25.56
C VAL D 198 -12.66 1.59 -26.66
N THR D 199 -11.46 1.18 -26.25
CA THR D 199 -10.35 1.00 -27.19
C THR D 199 -9.79 -0.42 -27.18
N GLN D 200 -9.78 -1.05 -28.35
CA GLN D 200 -9.19 -2.38 -28.51
C GLN D 200 -8.11 -2.34 -29.59
N GLY D 201 -6.86 -2.52 -29.18
CA GLY D 201 -5.73 -2.33 -30.07
C GLY D 201 -5.56 -0.84 -30.32
N THR D 202 -5.71 -0.41 -31.56
CA THR D 202 -5.68 1.01 -31.85
C THR D 202 -7.06 1.52 -32.24
N THR D 203 -7.97 0.60 -32.56
CA THR D 203 -9.30 0.98 -33.01
C THR D 203 -10.30 1.09 -31.87
N SER D 204 -10.91 2.26 -31.73
CA SER D 204 -11.81 2.51 -30.60
C SER D 204 -13.26 2.82 -31.00
N VAL D 205 -14.19 2.37 -30.16
CA VAL D 205 -15.64 2.55 -30.35
C VAL D 205 -16.14 3.61 -29.36
N VAL D 206 -16.94 4.56 -29.85
CA VAL D 206 -17.39 5.67 -29.01
C VAL D 206 -18.92 5.79 -28.90
N GLN D 207 -19.41 6.00 -27.67
CA GLN D 207 -20.83 6.32 -27.46
C GLN D 207 -20.92 7.52 -26.53
N SER D 208 -21.88 8.41 -26.80
CA SER D 208 -22.05 9.58 -25.95
C SER D 208 -23.47 10.11 -25.93
N PHE D 209 -23.69 11.16 -25.15
CA PHE D 209 -24.99 11.82 -25.07
C PHE D 209 -24.82 13.25 -24.58
N ASN D 210 -25.86 14.06 -24.70
CA ASN D 210 -25.84 15.43 -24.16
C ASN D 210 -26.84 15.60 -23.03
N ARG D 211 -26.35 16.02 -21.85
CA ARG D 211 -27.22 16.31 -20.71
C ARG D 211 -28.29 17.34 -21.04
N GLY E 1 -0.56 -45.49 8.83
CA GLY E 1 0.05 -44.19 8.58
C GLY E 1 0.01 -43.90 7.09
N GLY E 3 0.86 -43.27 3.37
CA GLY E 3 2.03 -43.77 2.68
C GLY E 3 2.41 -45.22 3.01
N ALA E 4 1.79 -45.79 4.04
CA ALA E 4 2.03 -47.19 4.43
C ALA E 4 1.78 -48.19 3.29
#